data_4D28
#
_entry.id   4D28
#
_cell.length_a   69.111
_cell.length_b   71.353
_cell.length_c   77.834
_cell.angle_alpha   104.85
_cell.angle_beta   100.32
_cell.angle_gamma   118.96
#
_symmetry.space_group_name_H-M   'P 1'
#
_entity_poly.entity_id   1
_entity_poly.type   'polypeptide(L)'
_entity_poly.pdbx_seq_one_letter_code
;MTKKMRRVGKYEVGRTIGEGTFAKVKFARNTDTGDNVAIKIMAKSTILKNRMVDQIKREISIMKIVRHPNIVRLYEVLAS
KSKIYIVLEFVTGGELFDRIVHKGRLKEDESRKYFQQLVDAVAHCHSKGVYHRDLKPENLLLDTNGNLKVSDFGLSALPQ
EGVELLNDTCGTPNYVAPEVLSGQGYDGSAADIWSCGVILFVILAGYLPFSETDLPGLYRKINAAEFDCPPWFSAEVKFL
IHRILDPNPKTRIQIQGIKKDPWFRKNYVPIRAREEEEVNLDDIRAVFDGIEGSYVAENVERNDEGPLMMNAFEMITLSQ
GLNLSALFDRRQDFVKRQTRFVSRREPSEIIANIEAVANSMGFKSHTRNFKTRLEGLSSIKAGQLAVVIEIYEVAPSLFM
VDVRKAAGETLEYHKFYKKLCSKLENIIWRATEGIPKSEILRTITF
;
_entity_poly.pdbx_strand_id   A,B,C,D
#
# COMPACT_ATOMS: atom_id res chain seq x y z
N VAL A 8 13.46 -9.97 -37.72
CA VAL A 8 14.53 -10.99 -37.53
C VAL A 8 14.29 -11.84 -36.28
N GLY A 9 14.11 -13.14 -36.50
CA GLY A 9 13.73 -14.06 -35.43
C GLY A 9 12.53 -13.52 -34.68
N LYS A 10 11.52 -13.10 -35.42
CA LYS A 10 10.29 -12.47 -34.90
C LYS A 10 10.42 -10.96 -34.67
N TYR A 11 11.64 -10.43 -34.82
CA TYR A 11 11.94 -9.07 -34.38
C TYR A 11 12.45 -8.14 -35.47
N GLU A 12 11.92 -6.92 -35.51
CA GLU A 12 12.44 -5.89 -36.39
C GLU A 12 13.29 -4.94 -35.55
N VAL A 13 14.60 -5.07 -35.71
CA VAL A 13 15.59 -4.38 -34.87
C VAL A 13 15.77 -2.93 -35.32
N GLY A 14 16.01 -2.05 -34.34
CA GLY A 14 16.47 -0.69 -34.61
C GLY A 14 17.96 -0.62 -34.33
N ARG A 15 18.42 0.49 -33.76
CA ARG A 15 19.82 0.73 -33.39
C ARG A 15 19.86 2.02 -32.55
N THR A 16 20.75 2.17 -31.57
CA THR A 16 21.44 1.13 -30.78
C THR A 16 21.58 1.88 -29.46
N ILE A 17 21.20 1.28 -28.32
CA ILE A 17 21.26 2.03 -27.04
C ILE A 17 22.59 1.84 -26.32
N ALA A 23 29.13 -5.60 -25.37
CA ALA A 23 27.71 -5.35 -25.13
C ALA A 23 27.17 -4.20 -25.97
N LYS A 24 26.05 -4.45 -26.64
CA LYS A 24 25.37 -3.40 -27.38
C LYS A 24 23.85 -3.57 -27.30
N VAL A 25 23.19 -2.64 -26.62
CA VAL A 25 21.74 -2.67 -26.56
C VAL A 25 21.13 -1.96 -27.75
N LYS A 26 20.06 -2.53 -28.27
CA LYS A 26 19.38 -1.90 -29.37
C LYS A 26 17.88 -1.92 -29.14
N PHE A 27 17.21 -0.93 -29.70
CA PHE A 27 15.76 -0.93 -29.69
C PHE A 27 15.25 -1.86 -30.78
N ALA A 28 14.18 -2.57 -30.47
CA ALA A 28 13.57 -3.51 -31.41
C ALA A 28 12.07 -3.51 -31.28
N ARG A 29 11.39 -3.96 -32.34
CA ARG A 29 9.96 -4.24 -32.25
C ARG A 29 9.68 -5.73 -32.49
N ASN A 30 8.97 -6.34 -31.55
CA ASN A 30 8.42 -7.66 -31.76
C ASN A 30 7.33 -7.54 -32.79
N THR A 31 7.58 -8.07 -33.97
CA THR A 31 6.67 -7.89 -35.08
C THR A 31 5.37 -8.68 -34.92
N ASP A 32 5.47 -10.00 -34.73
CA ASP A 32 4.29 -10.89 -34.66
C ASP A 32 3.17 -10.35 -33.77
N THR A 33 3.54 -9.93 -32.57
CA THR A 33 2.59 -9.28 -31.69
C THR A 33 2.63 -7.79 -32.02
N GLY A 34 3.64 -7.39 -32.79
CA GLY A 34 3.80 -6.00 -33.16
C GLY A 34 4.09 -5.09 -31.97
N ASP A 35 4.56 -5.68 -30.87
CA ASP A 35 5.00 -4.92 -29.68
C ASP A 35 6.52 -4.66 -29.67
N ASN A 36 6.94 -3.71 -28.85
CA ASN A 36 8.32 -3.20 -28.88
C ASN A 36 9.18 -3.60 -27.68
N VAL A 37 10.44 -3.94 -27.96
CA VAL A 37 11.40 -4.35 -26.93
C VAL A 37 12.78 -3.77 -27.18
N ALA A 38 13.62 -3.79 -26.13
CA ALA A 38 15.06 -3.57 -26.28
C ALA A 38 15.80 -4.90 -26.26
N ILE A 39 16.90 -4.95 -27.00
CA ILE A 39 17.67 -6.17 -27.11
C ILE A 39 19.12 -5.94 -26.77
N LYS A 40 19.67 -6.83 -25.95
CA LYS A 40 21.10 -6.87 -25.70
C LYS A 40 21.71 -7.88 -26.64
N ILE A 41 22.72 -7.46 -27.39
CA ILE A 41 23.36 -8.32 -28.36
C ILE A 41 24.84 -8.38 -28.03
N MET A 42 25.35 -9.61 -27.99
CA MET A 42 26.73 -9.89 -27.61
C MET A 42 27.26 -11.11 -28.34
N ALA A 43 28.59 -11.22 -28.40
CA ALA A 43 29.25 -12.35 -29.02
C ALA A 43 29.01 -13.64 -28.25
N LYS A 44 28.83 -14.73 -28.99
CA LYS A 44 28.73 -16.05 -28.39
C LYS A 44 30.08 -16.40 -27.75
N SER A 45 31.16 -16.14 -28.47
CA SER A 45 32.54 -16.43 -28.06
C SER A 45 32.86 -15.96 -26.64
N THR A 46 32.51 -14.70 -26.35
CA THR A 46 32.83 -14.07 -25.07
C THR A 46 32.07 -14.70 -23.91
N ILE A 47 30.86 -15.17 -24.16
CA ILE A 47 30.02 -15.66 -23.08
C ILE A 47 30.38 -17.11 -22.77
N LEU A 48 30.53 -17.92 -23.81
CA LEU A 48 30.78 -19.34 -23.67
C LEU A 48 32.15 -19.65 -23.08
N LYS A 49 33.12 -18.81 -23.38
CA LYS A 49 34.47 -19.01 -22.89
C LYS A 49 34.78 -18.06 -21.75
N ASN A 50 33.98 -18.18 -20.70
CA ASN A 50 34.14 -17.41 -19.47
C ASN A 50 34.04 -18.32 -18.25
N ARG A 51 34.82 -18.03 -17.22
CA ARG A 51 34.73 -18.78 -15.96
C ARG A 51 33.28 -19.07 -15.59
N MET A 52 32.39 -18.16 -15.98
CA MET A 52 31.03 -18.13 -15.46
C MET A 52 29.94 -18.47 -16.47
N VAL A 53 30.29 -19.17 -17.55
CA VAL A 53 29.30 -19.59 -18.55
C VAL A 53 28.13 -20.31 -17.89
N ASP A 54 28.44 -21.26 -17.02
CA ASP A 54 27.43 -22.04 -16.31
C ASP A 54 26.53 -21.17 -15.42
N GLN A 55 27.13 -20.30 -14.61
CA GLN A 55 26.34 -19.38 -13.77
C GLN A 55 25.47 -18.48 -14.64
N ILE A 56 26.08 -17.94 -15.71
CA ILE A 56 25.36 -17.10 -16.65
C ILE A 56 24.12 -17.82 -17.14
N LYS A 57 24.32 -19.04 -17.64
CA LYS A 57 23.23 -19.87 -18.13
C LYS A 57 22.11 -19.98 -17.11
N ARG A 58 22.45 -20.44 -15.90
CA ARG A 58 21.47 -20.67 -14.85
C ARG A 58 20.65 -19.41 -14.57
N GLU A 59 21.35 -18.31 -14.28
CA GLU A 59 20.70 -17.05 -13.94
C GLU A 59 19.84 -16.50 -15.08
N ILE A 60 20.39 -16.50 -16.30
CA ILE A 60 19.66 -16.05 -17.49
C ILE A 60 18.33 -16.80 -17.60
N SER A 61 18.40 -18.13 -17.54
CA SER A 61 17.22 -18.96 -17.66
C SER A 61 16.21 -18.65 -16.56
N ILE A 62 16.69 -18.46 -15.34
CA ILE A 62 15.82 -18.11 -14.22
C ILE A 62 15.07 -16.80 -14.51
N MET A 63 15.78 -15.80 -15.02
CA MET A 63 15.18 -14.51 -15.39
C MET A 63 14.11 -14.66 -16.47
N LYS A 64 14.45 -15.38 -17.54
CA LYS A 64 13.53 -15.69 -18.64
C LYS A 64 12.21 -16.23 -18.08
N ILE A 65 12.33 -17.01 -17.02
CA ILE A 65 11.19 -17.64 -16.37
C ILE A 65 10.56 -16.77 -15.29
N VAL A 66 11.27 -15.72 -14.85
CA VAL A 66 10.71 -14.81 -13.84
C VAL A 66 9.65 -13.90 -14.45
N ARG A 67 8.67 -13.51 -13.63
CA ARG A 67 7.64 -12.54 -14.01
C ARG A 67 7.13 -11.75 -12.80
N HIS A 68 7.46 -10.46 -12.78
CA HIS A 68 7.22 -9.60 -11.63
C HIS A 68 7.05 -8.14 -12.07
N PRO A 69 6.09 -7.41 -11.45
CA PRO A 69 5.69 -6.06 -11.84
C PRO A 69 6.78 -5.01 -11.71
N ASN A 70 7.82 -5.33 -10.96
CA ASN A 70 8.88 -4.37 -10.66
C ASN A 70 10.20 -4.82 -11.24
N ILE A 71 10.18 -5.97 -11.88
CA ILE A 71 11.38 -6.50 -12.50
C ILE A 71 11.22 -6.42 -14.00
N VAL A 72 12.17 -5.74 -14.65
CA VAL A 72 12.26 -5.70 -16.11
C VAL A 72 12.38 -7.12 -16.65
N ARG A 73 11.50 -7.47 -17.58
CA ARG A 73 11.34 -8.86 -17.96
C ARG A 73 12.22 -9.30 -19.12
N LEU A 74 12.68 -10.54 -19.02
CA LEU A 74 13.41 -11.18 -20.09
C LEU A 74 12.43 -12.10 -20.81
N TYR A 75 11.98 -11.66 -21.97
CA TYR A 75 10.96 -12.37 -22.73
C TYR A 75 11.45 -13.72 -23.24
N GLU A 76 12.62 -13.72 -23.88
CA GLU A 76 13.18 -14.91 -24.49
C GLU A 76 14.65 -14.67 -24.84
N VAL A 77 15.31 -15.70 -25.34
CA VAL A 77 16.73 -15.59 -25.70
C VAL A 77 16.97 -16.08 -27.11
N LEU A 78 17.67 -15.27 -27.91
CA LEU A 78 17.99 -15.67 -29.26
C LEU A 78 19.47 -15.99 -29.40
N ALA A 79 19.76 -17.09 -30.07
CA ALA A 79 21.13 -17.55 -30.23
C ALA A 79 21.52 -17.68 -31.70
N SER A 80 22.73 -17.23 -32.01
CA SER A 80 23.31 -17.40 -33.33
C SER A 80 24.63 -18.14 -33.21
N LYS A 81 25.11 -18.70 -34.32
CA LYS A 81 26.43 -19.31 -34.32
C LYS A 81 27.50 -18.28 -33.98
N SER A 82 27.24 -17.02 -34.35
CA SER A 82 28.16 -15.92 -34.10
C SER A 82 27.88 -15.05 -32.86
N LYS A 83 26.62 -14.99 -32.42
CA LYS A 83 26.26 -14.11 -31.28
C LYS A 83 25.00 -14.51 -30.50
N ILE A 84 24.90 -14.04 -29.26
CA ILE A 84 23.72 -14.29 -28.44
C ILE A 84 22.85 -13.05 -28.31
N TYR A 85 21.55 -13.24 -28.46
CA TYR A 85 20.57 -12.15 -28.40
C TYR A 85 19.64 -12.27 -27.19
N ILE A 86 19.64 -11.22 -26.38
CA ILE A 86 18.77 -11.15 -25.19
C ILE A 86 17.68 -10.08 -25.30
N VAL A 87 16.44 -10.54 -25.20
CA VAL A 87 15.30 -9.68 -25.35
C VAL A 87 14.82 -9.30 -23.95
N LEU A 88 14.50 -8.01 -23.79
CA LEU A 88 14.08 -7.49 -22.50
C LEU A 88 12.89 -6.57 -22.67
N GLU A 89 12.08 -6.48 -21.61
CA GLU A 89 10.98 -5.53 -21.54
C GLU A 89 11.53 -4.12 -21.74
N PHE A 90 10.77 -3.29 -22.46
CA PHE A 90 11.14 -1.90 -22.69
C PHE A 90 10.37 -1.00 -21.73
N VAL A 91 11.07 -0.10 -21.05
CA VAL A 91 10.43 0.85 -20.15
C VAL A 91 10.61 2.30 -20.60
N THR A 92 9.51 2.98 -20.83
CA THR A 92 9.55 4.38 -21.26
C THR A 92 9.96 5.31 -20.12
N GLY A 93 9.54 4.98 -18.89
CA GLY A 93 9.70 5.84 -17.71
C GLY A 93 11.09 6.38 -17.44
N GLY A 94 12.12 5.57 -17.73
CA GLY A 94 13.51 5.99 -17.59
C GLY A 94 14.01 5.96 -16.15
N GLU A 95 15.18 6.57 -15.92
CA GLU A 95 15.79 6.59 -14.59
C GLU A 95 14.93 7.26 -13.53
N LEU A 96 14.77 6.58 -12.40
CA LEU A 96 14.03 7.12 -11.26
C LEU A 96 14.69 8.39 -10.73
N PHE A 97 16.02 8.41 -10.74
CA PHE A 97 16.79 9.54 -10.20
C PHE A 97 16.63 10.85 -10.96
N ASP A 98 16.18 10.78 -12.21
CA ASP A 98 15.75 11.98 -12.93
C ASP A 98 14.69 12.71 -12.12
N ARG A 99 13.81 11.93 -11.49
CA ARG A 99 12.80 12.47 -10.61
C ARG A 99 13.44 13.21 -9.44
N ILE A 100 14.48 12.61 -8.86
CA ILE A 100 15.21 13.26 -7.77
C ILE A 100 15.74 14.64 -8.18
N VAL A 101 16.28 14.73 -9.39
CA VAL A 101 16.81 16.00 -9.93
C VAL A 101 15.76 17.12 -9.88
N HIS A 102 14.54 16.82 -10.33
CA HIS A 102 13.43 17.77 -10.34
C HIS A 102 13.09 18.34 -8.96
N LYS A 103 12.94 17.46 -7.97
CA LYS A 103 12.42 17.87 -6.66
C LYS A 103 13.38 17.62 -5.49
N GLY A 104 14.64 17.38 -5.80
CA GLY A 104 15.65 17.05 -4.79
C GLY A 104 15.30 15.73 -4.14
N ARG A 105 15.20 15.74 -2.82
CA ARG A 105 14.63 14.63 -2.09
C ARG A 105 13.27 14.32 -2.67
N LEU A 106 12.86 13.07 -2.53
CA LEU A 106 11.46 12.72 -2.58
C LEU A 106 10.96 12.75 -1.15
N LYS A 107 9.64 12.71 -0.98
CA LYS A 107 9.01 12.72 0.33
C LYS A 107 9.13 11.35 0.99
N GLU A 108 8.90 11.28 2.30
CA GLU A 108 9.07 10.03 3.03
C GLU A 108 8.18 8.91 2.49
N ASP A 109 6.89 9.20 2.37
CA ASP A 109 5.92 8.19 1.95
C ASP A 109 6.17 7.64 0.55
N GLU A 110 6.41 8.54 -0.41
CA GLU A 110 6.73 8.17 -1.78
C GLU A 110 8.01 7.36 -1.85
N SER A 111 9.07 7.88 -1.23
CA SER A 111 10.32 7.15 -1.14
C SER A 111 10.05 5.75 -0.61
N ARG A 112 9.15 5.67 0.38
CA ARG A 112 8.78 4.38 0.95
C ARG A 112 8.14 3.46 -0.08
N LYS A 113 7.22 4.01 -0.88
CA LYS A 113 6.60 3.27 -1.97
C LYS A 113 7.70 2.61 -2.77
N TYR A 114 8.50 3.43 -3.47
CA TYR A 114 9.61 2.96 -4.28
C TYR A 114 10.51 1.94 -3.59
N PHE A 115 10.85 2.21 -2.34
CA PHE A 115 11.67 1.28 -1.58
C PHE A 115 10.97 -0.07 -1.45
N GLN A 116 9.66 -0.03 -1.21
CA GLN A 116 8.87 -1.25 -1.11
C GLN A 116 8.98 -2.04 -2.40
N GLN A 117 8.77 -1.37 -3.53
CA GLN A 117 8.87 -2.01 -4.84
C GLN A 117 10.24 -2.66 -5.03
N LEU A 118 11.29 -1.88 -4.77
CA LEU A 118 12.66 -2.37 -4.94
C LEU A 118 12.96 -3.56 -4.05
N VAL A 119 12.63 -3.46 -2.77
CA VAL A 119 12.85 -4.56 -1.83
C VAL A 119 12.07 -5.80 -2.26
N ASP A 120 10.79 -5.62 -2.62
CA ASP A 120 9.96 -6.72 -3.13
C ASP A 120 10.64 -7.45 -4.28
N ALA A 121 11.09 -6.67 -5.26
CA ALA A 121 11.72 -7.19 -6.47
C ALA A 121 13.00 -7.94 -6.14
N VAL A 122 13.89 -7.30 -5.40
CA VAL A 122 15.16 -7.93 -5.04
C VAL A 122 14.88 -9.22 -4.28
N ALA A 123 13.98 -9.16 -3.31
CA ALA A 123 13.62 -10.31 -2.49
C ALA A 123 13.15 -11.48 -3.36
N HIS A 124 12.27 -11.18 -4.30
CA HIS A 124 11.75 -12.19 -5.20
C HIS A 124 12.90 -12.85 -5.97
N CYS A 125 13.79 -12.02 -6.51
CA CYS A 125 14.97 -12.50 -7.24
C CYS A 125 15.88 -13.34 -6.37
N HIS A 126 16.11 -12.87 -5.15
CA HIS A 126 16.98 -13.52 -4.19
C HIS A 126 16.45 -14.91 -3.87
N SER A 127 15.13 -15.01 -3.69
CA SER A 127 14.45 -16.29 -3.40
C SER A 127 14.68 -17.27 -4.54
N LYS A 128 14.61 -16.74 -5.76
CA LYS A 128 14.76 -17.55 -6.95
C LYS A 128 16.21 -17.97 -7.09
N GLY A 129 17.04 -17.42 -6.22
CA GLY A 129 18.45 -17.79 -6.12
C GLY A 129 19.42 -16.88 -6.85
N VAL A 130 18.93 -15.73 -7.33
CA VAL A 130 19.73 -14.81 -8.14
C VAL A 130 20.05 -13.52 -7.39
N TYR A 131 21.25 -13.01 -7.60
CA TYR A 131 21.72 -11.84 -6.89
C TYR A 131 22.16 -10.78 -7.89
N HIS A 132 21.92 -9.52 -7.57
CA HIS A 132 22.16 -8.45 -8.54
C HIS A 132 23.64 -8.17 -8.74
N ARG A 133 24.34 -7.93 -7.64
CA ARG A 133 25.79 -7.72 -7.64
C ARG A 133 26.26 -6.34 -8.11
N ASP A 134 25.36 -5.59 -8.74
CA ASP A 134 25.70 -4.23 -9.16
C ASP A 134 24.46 -3.33 -9.20
N LEU A 135 23.85 -3.12 -8.04
CA LEU A 135 22.69 -2.25 -7.92
C LEU A 135 23.09 -0.78 -7.88
N LYS A 136 22.83 -0.09 -8.99
CA LYS A 136 23.12 1.33 -9.15
C LYS A 136 21.93 1.97 -9.84
N PRO A 137 21.80 3.32 -9.77
CA PRO A 137 20.66 4.08 -10.29
C PRO A 137 20.25 3.77 -11.74
N GLU A 138 21.24 3.50 -12.59
CA GLU A 138 21.00 3.16 -14.00
C GLU A 138 19.98 2.04 -14.10
N ASN A 139 20.09 1.08 -13.18
CA ASN A 139 19.24 -0.11 -13.17
C ASN A 139 17.81 0.17 -12.72
N LEU A 140 17.65 1.06 -11.75
CA LEU A 140 16.34 1.49 -11.30
C LEU A 140 15.65 2.21 -12.45
N LEU A 141 14.44 1.78 -12.78
CA LEU A 141 13.73 2.26 -13.95
C LEU A 141 12.25 2.51 -13.68
N LEU A 142 11.63 3.37 -14.49
CA LEU A 142 10.21 3.66 -14.37
C LEU A 142 9.43 3.25 -15.61
N ASP A 143 8.14 3.01 -15.41
CA ASP A 143 7.22 2.68 -16.48
C ASP A 143 6.24 3.84 -16.68
N THR A 144 5.49 3.80 -17.79
CA THR A 144 4.46 4.80 -18.09
C THR A 144 3.55 5.05 -16.90
N ASN A 145 3.13 3.95 -16.27
CA ASN A 145 2.29 4.00 -15.07
C ASN A 145 2.93 4.67 -13.88
N GLY A 146 4.25 4.81 -13.90
CA GLY A 146 4.99 5.44 -12.82
C GLY A 146 5.53 4.44 -11.80
N ASN A 147 5.29 3.15 -12.04
CA ASN A 147 5.86 2.08 -11.21
C ASN A 147 7.34 1.88 -11.48
N LEU A 148 8.05 1.35 -10.49
CA LEU A 148 9.48 1.07 -10.63
C LEU A 148 9.73 -0.31 -11.23
N LYS A 149 10.81 -0.42 -12.00
CA LYS A 149 11.24 -1.70 -12.55
C LYS A 149 12.76 -1.74 -12.62
N VAL A 150 13.33 -2.91 -12.35
CA VAL A 150 14.76 -3.02 -12.11
C VAL A 150 15.47 -3.89 -13.14
N SER A 151 16.51 -3.33 -13.75
CA SER A 151 17.18 -3.93 -14.89
C SER A 151 18.48 -4.62 -14.51
N ASP A 152 19.12 -5.24 -15.51
CA ASP A 152 20.42 -5.91 -15.33
C ASP A 152 20.43 -6.88 -14.15
N PHE A 153 19.31 -7.57 -13.96
CA PHE A 153 19.20 -8.57 -12.91
C PHE A 153 19.53 -9.94 -13.50
N GLY A 154 20.63 -10.53 -13.05
CA GLY A 154 21.12 -11.78 -13.62
C GLY A 154 22.12 -11.56 -14.73
N LEU A 155 22.51 -10.31 -14.95
CA LEU A 155 23.43 -9.94 -16.03
C LEU A 155 24.80 -9.51 -15.52
N SER A 156 24.93 -9.35 -14.20
CA SER A 156 26.22 -9.06 -13.58
C SER A 156 27.20 -10.18 -13.92
N ALA A 157 26.69 -11.42 -13.87
CA ALA A 157 27.43 -12.59 -14.32
C ALA A 157 27.86 -12.46 -15.78
N LEU A 158 27.16 -11.61 -16.54
CA LEU A 158 27.48 -11.35 -17.94
C LEU A 158 28.93 -10.91 -18.08
N PRO A 159 29.65 -11.42 -19.10
CA PRO A 159 31.09 -11.14 -19.15
C PRO A 159 31.39 -9.67 -19.29
N GLN A 160 32.34 -9.19 -18.48
CA GLN A 160 32.90 -7.84 -18.59
C GLN A 160 31.87 -6.73 -18.81
N GLU A 161 30.74 -6.82 -18.10
CA GLU A 161 29.64 -5.86 -18.25
C GLU A 161 30.10 -4.43 -17.94
N GLY A 162 29.79 -3.49 -18.83
CA GLY A 162 29.17 -3.77 -20.11
C GLY A 162 30.22 -4.04 -21.18
N LEU A 166 37.65 5.13 -21.99
CA LEU A 166 38.79 5.99 -21.70
C LEU A 166 38.45 7.07 -20.66
N ASN A 167 38.46 8.33 -21.08
CA ASN A 167 38.27 9.47 -20.17
C ASN A 167 36.90 9.51 -19.49
N ASP A 168 35.86 9.17 -20.25
CA ASP A 168 34.48 9.25 -19.77
C ASP A 168 34.11 8.03 -18.93
N THR A 169 33.88 8.28 -17.65
CA THR A 169 33.49 7.21 -16.74
C THR A 169 32.39 7.78 -15.88
N CYS A 170 31.29 7.06 -15.76
CA CYS A 170 30.18 7.51 -14.95
C CYS A 170 29.81 6.44 -13.96
N GLY A 171 30.76 6.11 -13.08
CA GLY A 171 30.55 5.09 -12.07
C GLY A 171 30.80 5.67 -10.69
N THR A 172 29.87 5.41 -9.78
CA THR A 172 30.02 5.88 -8.42
C THR A 172 30.24 4.65 -7.56
N PRO A 173 31.29 4.65 -6.70
CA PRO A 173 31.46 3.44 -5.92
C PRO A 173 30.64 3.48 -4.65
N ASN A 174 29.88 4.54 -4.43
CA ASN A 174 29.20 4.74 -3.16
C ASN A 174 28.23 3.63 -2.82
N TYR A 175 27.48 3.17 -3.81
CA TYR A 175 26.53 2.10 -3.57
C TYR A 175 27.26 0.82 -3.19
N VAL A 176 28.36 0.53 -3.88
CA VAL A 176 29.07 -0.75 -3.69
C VAL A 176 29.29 -1.05 -2.20
N ALA A 177 28.96 -2.29 -1.79
CA ALA A 177 29.15 -2.74 -0.40
C ALA A 177 30.64 -2.85 -0.05
N PRO A 178 30.98 -2.75 1.26
CA PRO A 178 32.40 -2.73 1.62
C PRO A 178 33.12 -4.03 1.28
N GLU A 179 32.51 -5.15 1.66
CA GLU A 179 33.10 -6.48 1.43
C GLU A 179 33.52 -6.62 -0.01
N VAL A 180 32.69 -6.07 -0.90
CA VAL A 180 33.01 -6.01 -2.32
C VAL A 180 34.29 -5.20 -2.52
N LEU A 181 34.43 -4.12 -1.76
CA LEU A 181 35.59 -3.25 -1.90
C LEU A 181 36.90 -4.02 -1.84
N SER A 182 36.93 -5.03 -0.96
CA SER A 182 38.12 -5.88 -0.77
C SER A 182 38.64 -6.48 -2.07
N GLY A 183 37.72 -6.93 -2.93
CA GLY A 183 38.06 -7.53 -4.21
C GLY A 183 38.00 -9.04 -4.16
N GLN A 184 37.43 -9.57 -3.09
CA GLN A 184 37.45 -11.00 -2.80
C GLN A 184 36.05 -11.62 -2.86
N GLY A 185 35.57 -12.12 -1.71
CA GLY A 185 34.28 -12.82 -1.67
C GLY A 185 33.28 -12.25 -0.68
N TYR A 186 32.01 -12.43 -1.01
CA TYR A 186 30.87 -11.97 -0.21
C TYR A 186 29.65 -12.76 -0.63
N ASP A 187 28.65 -12.85 0.24
CA ASP A 187 27.36 -13.34 -0.21
C ASP A 187 26.70 -12.20 -0.98
N GLY A 188 26.16 -12.53 -2.15
CA GLY A 188 25.63 -11.54 -3.07
C GLY A 188 24.54 -10.69 -2.44
N SER A 189 23.65 -11.34 -1.71
CA SER A 189 22.48 -10.71 -1.11
C SER A 189 22.85 -9.54 -0.21
N ALA A 190 23.82 -9.76 0.69
CA ALA A 190 24.24 -8.73 1.62
C ALA A 190 24.68 -7.46 0.88
N ALA A 191 25.38 -7.66 -0.23
CA ALA A 191 25.79 -6.55 -1.08
C ALA A 191 24.57 -5.87 -1.70
N ASP A 192 23.64 -6.67 -2.21
CA ASP A 192 22.42 -6.15 -2.82
C ASP A 192 21.63 -5.35 -1.79
N ILE A 193 21.56 -5.84 -0.56
CA ILE A 193 20.88 -5.14 0.51
C ILE A 193 21.58 -3.81 0.80
N TRP A 194 22.91 -3.81 0.79
CA TRP A 194 23.67 -2.58 1.04
C TRP A 194 23.26 -1.49 0.06
N SER A 195 23.22 -1.83 -1.23
CA SER A 195 22.89 -0.86 -2.28
C SER A 195 21.50 -0.27 -2.10
N CYS A 196 20.54 -1.13 -1.78
CA CYS A 196 19.18 -0.71 -1.45
C CYS A 196 19.21 0.31 -0.32
N GLY A 197 20.08 0.05 0.67
CA GLY A 197 20.30 0.97 1.77
C GLY A 197 20.77 2.32 1.28
N VAL A 198 21.74 2.33 0.38
CA VAL A 198 22.24 3.57 -0.21
C VAL A 198 21.16 4.20 -1.08
N ILE A 199 20.53 3.39 -1.93
CA ILE A 199 19.48 3.86 -2.82
C ILE A 199 18.39 4.60 -2.03
N LEU A 200 17.88 3.96 -0.98
CA LEU A 200 16.86 4.56 -0.13
C LEU A 200 17.34 5.89 0.43
N PHE A 201 18.57 5.90 0.92
CA PHE A 201 19.18 7.09 1.53
C PHE A 201 19.21 8.27 0.56
N VAL A 202 19.64 8.01 -0.67
CA VAL A 202 19.78 9.08 -1.67
C VAL A 202 18.43 9.69 -2.01
N ILE A 203 17.42 8.83 -2.20
CA ILE A 203 16.05 9.28 -2.49
C ILE A 203 15.57 10.28 -1.45
N LEU A 204 15.70 9.91 -0.18
CA LEU A 204 15.22 10.71 0.93
C LEU A 204 16.00 12.01 1.12
N ALA A 205 17.31 11.94 0.90
CA ALA A 205 18.19 13.03 1.31
C ALA A 205 18.62 13.91 0.15
N GLY A 206 18.49 13.41 -1.07
CA GLY A 206 18.88 14.16 -2.24
C GLY A 206 20.38 14.30 -2.32
N TYR A 207 21.09 13.33 -1.76
CA TYR A 207 22.54 13.20 -1.93
C TYR A 207 23.07 11.84 -1.49
N LEU A 208 24.33 11.60 -1.83
CA LEU A 208 25.04 10.39 -1.47
C LEU A 208 25.46 10.49 0.00
N PRO A 209 25.30 9.38 0.76
CA PRO A 209 25.65 9.34 2.18
C PRO A 209 27.11 9.69 2.45
N PHE A 210 27.99 9.24 1.55
CA PHE A 210 29.42 9.48 1.66
C PHE A 210 29.82 10.38 0.50
N SER A 211 30.49 11.49 0.81
CA SER A 211 30.95 12.43 -0.22
C SER A 211 31.80 11.73 -1.27
N GLU A 212 31.52 12.02 -2.54
CA GLU A 212 32.22 11.36 -3.65
C GLU A 212 33.67 11.81 -3.80
N THR A 213 33.94 13.08 -3.51
CA THR A 213 35.28 13.67 -3.72
C THR A 213 36.33 13.23 -2.70
N ASP A 214 37.60 13.36 -3.06
CA ASP A 214 38.67 12.85 -2.22
C ASP A 214 38.39 11.37 -2.02
N LEU A 215 38.51 10.63 -3.12
CA LEU A 215 38.09 9.23 -3.15
C LEU A 215 38.79 8.35 -2.12
N PRO A 216 40.13 8.50 -1.92
CA PRO A 216 40.70 7.64 -0.87
C PRO A 216 40.04 7.83 0.49
N GLY A 217 39.73 9.08 0.84
CA GLY A 217 38.95 9.35 2.05
C GLY A 217 37.53 8.82 1.90
N LEU A 218 37.02 8.87 0.67
CA LEU A 218 35.71 8.31 0.36
C LEU A 218 35.63 6.83 0.75
N TYR A 219 36.62 6.06 0.31
CA TYR A 219 36.70 4.63 0.65
C TYR A 219 36.78 4.42 2.15
N ARG A 220 37.52 5.30 2.82
CA ARG A 220 37.65 5.30 4.28
C ARG A 220 36.25 5.36 4.93
N LYS A 221 35.45 6.35 4.50
CA LYS A 221 34.10 6.54 5.01
C LYS A 221 33.26 5.29 4.80
N ILE A 222 33.33 4.73 3.58
CA ILE A 222 32.53 3.56 3.22
C ILE A 222 32.85 2.37 4.12
N ASN A 223 34.15 2.08 4.26
CA ASN A 223 34.58 0.96 5.09
C ASN A 223 34.21 1.17 6.55
N ALA A 224 34.28 2.42 7.00
CA ALA A 224 33.81 2.80 8.31
C ALA A 224 32.29 2.75 8.40
N ALA A 225 31.63 2.93 7.25
CA ALA A 225 30.17 3.11 7.18
C ALA A 225 29.77 4.33 8.00
N GLU A 226 30.60 5.37 7.91
CA GLU A 226 30.38 6.62 8.61
C GLU A 226 29.62 7.57 7.70
N PHE A 227 28.38 7.88 8.09
CA PHE A 227 27.51 8.78 7.35
C PHE A 227 26.62 9.56 8.31
N ASP A 228 26.25 10.77 7.91
CA ASP A 228 25.46 11.64 8.76
C ASP A 228 24.10 11.92 8.16
N CYS A 229 23.07 11.39 8.80
CA CYS A 229 21.68 11.53 8.34
C CYS A 229 21.17 12.95 8.56
N PRO A 230 20.29 13.43 7.66
CA PRO A 230 19.71 14.76 7.86
C PRO A 230 18.73 14.77 9.04
N PRO A 231 18.49 15.96 9.63
CA PRO A 231 17.55 16.03 10.76
C PRO A 231 16.14 15.57 10.38
N TRP A 232 15.73 15.88 9.16
CA TRP A 232 14.36 15.58 8.71
C TRP A 232 14.03 14.09 8.68
N PHE A 233 15.07 13.25 8.63
CA PHE A 233 14.91 11.81 8.80
C PHE A 233 14.23 11.53 10.13
N SER A 234 13.16 10.74 10.08
CA SER A 234 12.49 10.28 11.28
C SER A 234 13.35 9.20 11.93
N ALA A 235 13.14 8.96 13.22
CA ALA A 235 13.93 8.01 14.00
C ALA A 235 13.92 6.58 13.42
N GLU A 236 12.74 6.10 13.05
CA GLU A 236 12.62 4.74 12.55
C GLU A 236 13.34 4.49 11.22
N VAL A 237 13.22 5.44 10.29
CA VAL A 237 13.94 5.37 9.02
C VAL A 237 15.43 5.33 9.29
N LYS A 238 15.88 6.22 10.17
CA LYS A 238 17.28 6.26 10.56
C LYS A 238 17.72 4.89 11.03
N PHE A 239 16.93 4.26 11.89
CA PHE A 239 17.23 2.93 12.40
C PHE A 239 17.40 1.93 11.28
N LEU A 240 16.43 1.92 10.36
CA LEU A 240 16.46 1.00 9.25
C LEU A 240 17.70 1.21 8.40
N ILE A 241 18.00 2.46 8.08
CA ILE A 241 19.19 2.81 7.30
C ILE A 241 20.46 2.34 7.99
N HIS A 242 20.54 2.62 9.29
CA HIS A 242 21.68 2.22 10.13
C HIS A 242 21.87 0.71 10.12
N ARG A 243 20.78 -0.01 10.25
CA ARG A 243 20.78 -1.47 10.27
C ARG A 243 21.17 -2.03 8.91
N ILE A 244 20.64 -1.43 7.84
CA ILE A 244 20.99 -1.81 6.47
C ILE A 244 22.44 -1.44 6.20
N LEU A 245 22.83 -0.26 6.67
CA LEU A 245 24.19 0.21 6.47
C LEU A 245 25.06 -0.19 7.65
N ASP A 246 25.17 -1.51 7.80
CA ASP A 246 26.09 -2.14 8.71
C ASP A 246 27.24 -2.53 7.81
N PRO A 247 28.48 -2.17 8.21
CA PRO A 247 29.59 -2.57 7.37
C PRO A 247 29.86 -4.05 7.52
N ASN A 248 29.26 -4.68 8.53
CA ASN A 248 29.43 -6.13 8.69
C ASN A 248 28.36 -6.98 8.00
N PRO A 249 28.79 -7.81 7.05
CA PRO A 249 27.69 -8.43 6.36
C PRO A 249 27.08 -9.58 7.16
N LYS A 250 27.77 -10.05 8.19
CA LYS A 250 27.16 -11.02 9.07
C LYS A 250 26.20 -10.34 10.02
N THR A 251 26.42 -9.04 10.28
CA THR A 251 25.50 -8.30 11.14
C THR A 251 24.56 -7.38 10.37
N ARG A 252 24.65 -7.43 9.04
CA ARG A 252 23.75 -6.66 8.18
C ARG A 252 22.39 -7.32 8.11
N ILE A 253 21.34 -6.49 8.08
CA ILE A 253 19.96 -6.96 8.09
C ILE A 253 19.62 -7.72 6.79
N GLN A 254 18.88 -8.81 6.95
CA GLN A 254 18.41 -9.60 5.81
C GLN A 254 17.09 -9.04 5.28
N ILE A 255 16.75 -9.41 4.04
CA ILE A 255 15.49 -8.94 3.43
C ILE A 255 14.31 -9.20 4.35
N GLN A 256 14.28 -10.38 4.97
CA GLN A 256 13.26 -10.75 5.95
C GLN A 256 13.14 -9.71 7.04
N GLY A 257 14.28 -9.35 7.64
CA GLY A 257 14.32 -8.34 8.69
C GLY A 257 13.74 -7.00 8.24
N ILE A 258 14.18 -6.54 7.07
CA ILE A 258 13.73 -5.24 6.55
C ILE A 258 12.24 -5.25 6.22
N LYS A 259 11.73 -6.38 5.75
CA LYS A 259 10.30 -6.52 5.50
C LYS A 259 9.49 -6.48 6.79
N LYS A 260 10.06 -7.02 7.86
CA LYS A 260 9.44 -6.97 9.16
C LYS A 260 9.52 -5.58 9.81
N ASP A 261 10.50 -4.79 9.37
CA ASP A 261 10.75 -3.45 9.93
C ASP A 261 9.53 -2.52 9.90
N PRO A 262 9.24 -1.87 11.05
CA PRO A 262 8.22 -0.85 11.31
C PRO A 262 7.98 0.15 10.19
N TRP A 263 8.97 1.02 9.95
CA TRP A 263 8.91 2.00 8.88
C TRP A 263 8.65 1.30 7.56
N PHE A 264 9.16 0.08 7.41
CA PHE A 264 8.94 -0.63 6.17
C PHE A 264 7.53 -1.19 6.11
N ARG A 265 7.00 -1.61 7.26
CA ARG A 265 5.64 -2.14 7.38
C ARG A 265 4.57 -1.19 6.86
N LYS A 266 4.77 0.10 7.10
CA LYS A 266 3.73 1.11 6.89
C LYS A 266 3.09 1.05 5.51
N ASN A 267 1.77 0.87 5.49
CA ASN A 267 0.95 0.87 4.26
C ASN A 267 1.33 -0.19 3.20
N TYR A 268 2.18 -1.15 3.59
CA TYR A 268 2.78 -2.07 2.64
C TYR A 268 1.90 -3.28 2.36
N VAL A 269 1.96 -3.76 1.12
CA VAL A 269 1.08 -4.84 0.65
C VAL A 269 1.80 -5.77 -0.30
N PRO A 270 1.99 -7.05 0.11
CA PRO A 270 2.76 -7.98 -0.71
C PRO A 270 2.21 -8.03 -2.12
N ILE A 271 3.11 -7.91 -3.09
CA ILE A 271 2.74 -8.04 -4.50
C ILE A 271 2.46 -9.52 -4.79
N ARG A 272 1.64 -9.77 -5.81
CA ARG A 272 1.34 -11.14 -6.22
C ARG A 272 1.47 -11.33 -7.73
N ALA A 273 2.16 -12.39 -8.12
CA ALA A 273 2.36 -12.74 -9.53
C ALA A 273 2.53 -14.25 -9.69
N ARG A 274 2.22 -14.75 -10.89
CA ARG A 274 2.22 -16.19 -11.15
C ARG A 274 3.16 -16.56 -12.29
N GLU A 275 4.12 -17.43 -11.99
CA GLU A 275 5.00 -17.99 -13.00
C GLU A 275 5.16 -19.48 -12.76
N GLU A 276 5.36 -20.23 -13.83
CA GLU A 276 5.55 -21.67 -13.74
C GLU A 276 6.85 -22.00 -13.01
N GLU A 277 6.84 -23.10 -12.27
CA GLU A 277 8.05 -23.64 -11.68
C GLU A 277 9.11 -23.74 -12.78
N GLU A 278 10.34 -23.36 -12.45
CA GLU A 278 11.45 -23.30 -13.41
C GLU A 278 11.37 -24.41 -14.44
N VAL A 279 11.18 -24.01 -15.70
CA VAL A 279 11.04 -24.93 -16.83
C VAL A 279 12.32 -25.77 -16.97
N ASN A 280 12.14 -27.02 -17.41
CA ASN A 280 13.24 -27.97 -17.51
C ASN A 280 14.57 -27.30 -17.80
N LEU A 281 15.52 -27.48 -16.89
CA LEU A 281 16.84 -26.90 -17.09
C LEU A 281 17.36 -27.34 -18.44
N ASP A 282 17.06 -28.57 -18.83
CA ASP A 282 17.42 -29.06 -20.15
C ASP A 282 17.29 -27.90 -21.12
N ASP A 283 16.18 -27.16 -21.01
CA ASP A 283 16.03 -25.90 -21.70
C ASP A 283 17.17 -24.95 -21.35
N ILE A 284 17.52 -24.88 -20.07
CA ILE A 284 18.61 -24.02 -19.58
C ILE A 284 19.94 -24.37 -20.24
N ARG A 285 20.26 -25.67 -20.32
CA ARG A 285 21.49 -26.10 -20.97
C ARG A 285 21.39 -25.87 -22.47
N ALA A 286 20.19 -26.11 -23.02
CA ALA A 286 19.93 -25.90 -24.44
C ALA A 286 19.72 -24.44 -24.79
N VAL A 287 19.74 -23.57 -23.79
CA VAL A 287 19.51 -22.13 -23.97
C VAL A 287 20.35 -21.54 -25.11
N PHE A 288 21.61 -21.95 -25.23
CA PHE A 288 22.55 -21.32 -26.18
C PHE A 288 22.95 -22.14 -27.41
N ASP A 289 23.20 -23.44 -27.23
CA ASP A 289 23.73 -24.32 -28.28
C ASP A 289 24.76 -23.66 -29.19
N ARG B 7 -9.49 -30.66 2.24
CA ARG B 7 -8.36 -30.04 1.48
C ARG B 7 -8.63 -29.95 -0.02
N VAL B 8 -8.11 -28.90 -0.65
CA VAL B 8 -8.16 -28.74 -2.10
C VAL B 8 -6.96 -27.95 -2.63
N GLY B 9 -6.61 -28.18 -3.90
CA GLY B 9 -5.55 -27.45 -4.59
C GLY B 9 -4.29 -27.31 -3.77
N LYS B 10 -3.88 -26.06 -3.56
CA LYS B 10 -2.69 -25.75 -2.78
C LYS B 10 -3.04 -25.31 -1.35
N TYR B 11 -4.34 -25.32 -1.04
CA TYR B 11 -4.84 -24.87 0.25
C TYR B 11 -5.41 -26.04 1.05
N GLU B 12 -4.84 -26.31 2.22
CA GLU B 12 -5.45 -27.31 3.09
C GLU B 12 -6.66 -26.64 3.76
N VAL B 13 -7.86 -27.05 3.37
CA VAL B 13 -9.11 -26.43 3.85
C VAL B 13 -9.46 -26.90 5.25
N GLY B 14 -10.05 -26.00 6.03
CA GLY B 14 -10.67 -26.36 7.30
C GLY B 14 -12.17 -26.44 7.15
N ARG B 15 -12.88 -25.97 8.18
CA ARG B 15 -14.35 -25.89 8.26
C ARG B 15 -14.68 -25.15 9.54
N THR B 16 -15.69 -24.28 9.56
CA THR B 16 -16.31 -23.60 8.43
C THR B 16 -16.77 -22.30 9.10
N ILE B 17 -16.76 -21.17 8.39
CA ILE B 17 -17.25 -19.93 8.99
C ILE B 17 -18.79 -19.89 8.95
N GLY B 18 -19.40 -18.98 9.69
CA GLY B 18 -20.85 -18.79 9.68
C GLY B 18 -21.39 -18.75 8.26
N GLU B 19 -22.49 -19.44 8.02
CA GLU B 19 -23.02 -19.61 6.67
C GLU B 19 -24.54 -19.50 6.62
N GLY B 20 -25.05 -19.03 5.50
CA GLY B 20 -26.48 -19.00 5.22
C GLY B 20 -26.77 -19.70 3.92
N THR B 21 -27.63 -20.71 3.97
CA THR B 21 -28.00 -21.53 2.80
C THR B 21 -26.75 -22.07 2.11
N PHE B 22 -26.63 -21.84 0.80
CA PHE B 22 -25.46 -22.26 0.02
C PHE B 22 -24.18 -21.54 0.44
N ALA B 23 -24.29 -20.22 0.60
CA ALA B 23 -23.17 -19.36 1.00
C ALA B 23 -22.43 -19.86 2.23
N LYS B 24 -21.32 -20.55 2.02
CA LYS B 24 -20.58 -21.13 3.13
C LYS B 24 -19.11 -20.71 3.07
N VAL B 25 -18.65 -20.05 4.14
CA VAL B 25 -17.23 -19.75 4.27
C VAL B 25 -16.56 -20.88 5.04
N LYS B 26 -15.27 -21.04 4.80
CA LYS B 26 -14.52 -22.07 5.48
C LYS B 26 -13.14 -21.51 5.74
N PHE B 27 -12.50 -21.97 6.82
CA PHE B 27 -11.13 -21.59 7.07
C PHE B 27 -10.15 -22.48 6.31
N ALA B 28 -8.97 -21.94 6.01
CA ALA B 28 -8.00 -22.65 5.18
C ALA B 28 -6.60 -22.08 5.37
N ARG B 29 -5.60 -22.87 4.96
CA ARG B 29 -4.27 -22.34 4.78
C ARG B 29 -3.75 -22.70 3.41
N ASN B 30 -3.33 -21.69 2.67
CA ASN B 30 -2.36 -21.91 1.61
C ASN B 30 -1.22 -22.61 2.32
N THR B 31 -0.60 -23.53 1.63
CA THR B 31 0.46 -24.27 2.24
C THR B 31 1.77 -23.76 1.67
N ASP B 32 1.80 -23.62 0.35
CA ASP B 32 2.99 -23.22 -0.39
C ASP B 32 3.74 -22.17 0.40
N THR B 33 3.03 -21.10 0.75
CA THR B 33 3.59 -20.06 1.59
C THR B 33 3.11 -20.27 3.02
N GLY B 34 2.51 -21.43 3.25
CA GLY B 34 1.93 -21.72 4.54
C GLY B 34 1.41 -20.43 5.12
N ASP B 35 0.71 -19.67 4.30
CA ASP B 35 -0.08 -18.55 4.78
C ASP B 35 -1.47 -19.13 4.88
N ASN B 36 -2.29 -18.58 5.77
CA ASN B 36 -3.66 -19.10 5.95
C ASN B 36 -4.69 -18.15 5.35
N VAL B 37 -5.84 -18.69 4.98
CA VAL B 37 -6.91 -17.91 4.35
C VAL B 37 -8.31 -18.39 4.72
N ALA B 38 -9.30 -17.57 4.38
CA ALA B 38 -10.71 -17.92 4.48
C ALA B 38 -11.32 -18.04 3.08
N ILE B 39 -12.08 -19.10 2.87
CA ILE B 39 -12.63 -19.34 1.55
C ILE B 39 -14.14 -19.37 1.53
N LYS B 40 -14.69 -18.60 0.59
CA LYS B 40 -16.11 -18.42 0.40
C LYS B 40 -16.53 -19.34 -0.74
N ILE B 41 -16.80 -20.58 -0.40
CA ILE B 41 -17.27 -21.56 -1.38
C ILE B 41 -18.69 -21.20 -1.82
N MET B 42 -18.94 -21.34 -3.12
CA MET B 42 -20.24 -21.07 -3.69
C MET B 42 -20.56 -22.08 -4.77
N ALA B 43 -21.84 -22.40 -4.93
CA ALA B 43 -22.28 -23.27 -6.02
C ALA B 43 -22.11 -22.53 -7.34
N LYS B 44 -21.65 -23.25 -8.36
CA LYS B 44 -21.39 -22.65 -9.67
C LYS B 44 -22.71 -22.19 -10.30
N SER B 45 -23.49 -23.18 -10.74
CA SER B 45 -24.70 -22.97 -11.51
C SER B 45 -25.45 -21.70 -11.13
N THR B 46 -25.62 -21.49 -9.82
CA THR B 46 -26.34 -20.35 -9.29
C THR B 46 -25.66 -19.06 -9.71
N ILE B 47 -24.35 -19.14 -9.89
CA ILE B 47 -23.59 -17.96 -10.29
C ILE B 47 -23.73 -17.68 -11.77
N LEU B 48 -23.65 -18.75 -12.59
CA LEU B 48 -23.62 -18.62 -14.04
C LEU B 48 -24.93 -18.08 -14.61
N LYS B 49 -26.03 -18.36 -13.91
CA LYS B 49 -27.34 -17.97 -14.40
C LYS B 49 -28.00 -17.00 -13.43
N ASN B 50 -27.35 -15.85 -13.27
CA ASN B 50 -27.92 -14.70 -12.59
C ASN B 50 -27.88 -13.54 -13.58
N ARG B 51 -28.91 -12.70 -13.58
CA ARG B 51 -28.94 -11.52 -14.45
C ARG B 51 -27.59 -10.80 -14.41
N MET B 52 -26.94 -10.85 -13.25
CA MET B 52 -25.70 -10.12 -12.99
C MET B 52 -24.40 -10.92 -13.13
N VAL B 53 -24.47 -12.08 -13.79
CA VAL B 53 -23.29 -12.95 -13.91
C VAL B 53 -22.09 -12.20 -14.49
N ASP B 54 -22.32 -11.45 -15.57
CA ASP B 54 -21.26 -10.66 -16.20
C ASP B 54 -20.69 -9.61 -15.26
N GLN B 55 -21.56 -8.90 -14.54
CA GLN B 55 -21.14 -7.92 -13.54
C GLN B 55 -20.28 -8.58 -12.45
N ILE B 56 -20.77 -9.71 -11.94
CA ILE B 56 -20.03 -10.49 -10.95
C ILE B 56 -18.62 -10.79 -11.46
N LYS B 57 -18.54 -11.41 -12.65
CA LYS B 57 -17.26 -11.78 -13.22
C LYS B 57 -16.33 -10.57 -13.26
N ARG B 58 -16.81 -9.47 -13.84
CA ARG B 58 -16.00 -8.26 -13.94
C ARG B 58 -15.53 -7.77 -12.57
N GLU B 59 -16.46 -7.60 -11.64
CA GLU B 59 -16.14 -7.16 -10.28
C GLU B 59 -15.14 -8.08 -9.58
N ILE B 60 -15.38 -9.39 -9.67
CA ILE B 60 -14.50 -10.38 -9.06
C ILE B 60 -13.09 -10.20 -9.60
N SER B 61 -12.97 -10.15 -10.92
CA SER B 61 -11.67 -9.99 -11.57
C SER B 61 -10.96 -8.71 -11.16
N ILE B 62 -11.69 -7.60 -11.10
CA ILE B 62 -11.11 -6.32 -10.67
C ILE B 62 -10.59 -6.42 -9.23
N MET B 63 -11.42 -6.95 -8.34
CA MET B 63 -11.02 -7.18 -6.96
C MET B 63 -9.78 -8.06 -6.85
N LYS B 64 -9.72 -9.09 -7.69
CA LYS B 64 -8.59 -10.01 -7.72
C LYS B 64 -7.28 -9.27 -8.00
N ILE B 65 -7.35 -8.25 -8.84
CA ILE B 65 -6.18 -7.51 -9.30
C ILE B 65 -5.91 -6.30 -8.41
N VAL B 66 -6.91 -5.90 -7.63
CA VAL B 66 -6.79 -4.83 -6.65
C VAL B 66 -5.82 -5.25 -5.56
N ARG B 67 -4.98 -4.33 -5.12
CA ARG B 67 -4.10 -4.52 -3.96
C ARG B 67 -3.94 -3.24 -3.14
N HIS B 68 -4.66 -3.18 -2.02
CA HIS B 68 -4.69 -1.99 -1.16
C HIS B 68 -4.64 -2.36 0.33
N PRO B 69 -3.85 -1.59 1.12
CA PRO B 69 -3.56 -1.88 2.53
C PRO B 69 -4.72 -1.84 3.51
N ASN B 70 -5.86 -1.28 3.14
CA ASN B 70 -7.03 -1.34 3.99
C ASN B 70 -8.12 -2.20 3.35
N ILE B 71 -7.72 -2.94 2.33
CA ILE B 71 -8.64 -3.77 1.57
C ILE B 71 -8.25 -5.24 1.65
N VAL B 72 -9.12 -6.02 2.32
CA VAL B 72 -9.00 -7.48 2.37
C VAL B 72 -8.70 -8.03 0.98
N ARG B 73 -7.69 -8.87 0.90
CA ARG B 73 -7.08 -9.26 -0.37
C ARG B 73 -7.76 -10.51 -0.97
N LEU B 74 -7.97 -10.51 -2.28
CA LEU B 74 -8.48 -11.65 -3.00
C LEU B 74 -7.35 -12.21 -3.86
N TYR B 75 -6.73 -13.30 -3.39
CA TYR B 75 -5.58 -13.87 -4.07
C TYR B 75 -5.95 -14.51 -5.40
N GLU B 76 -6.96 -15.38 -5.36
CA GLU B 76 -7.30 -16.21 -6.50
C GLU B 76 -8.71 -16.79 -6.40
N VAL B 77 -9.23 -17.27 -7.53
CA VAL B 77 -10.55 -17.88 -7.59
C VAL B 77 -10.42 -19.28 -8.17
N LEU B 78 -11.08 -20.24 -7.55
CA LEU B 78 -11.01 -21.63 -7.99
C LEU B 78 -12.41 -22.16 -8.27
N ALA B 79 -12.57 -22.78 -9.43
CA ALA B 79 -13.88 -23.29 -9.85
C ALA B 79 -13.84 -24.79 -10.14
N SER B 80 -14.66 -25.52 -9.39
CA SER B 80 -14.91 -26.93 -9.63
C SER B 80 -15.91 -27.05 -10.77
N LYS B 81 -16.21 -28.28 -11.17
CA LYS B 81 -17.32 -28.54 -12.06
C LYS B 81 -18.62 -28.16 -11.37
N SER B 82 -18.71 -28.45 -10.07
CA SER B 82 -19.95 -28.28 -9.31
C SER B 82 -20.04 -27.03 -8.43
N LYS B 83 -18.91 -26.35 -8.21
CA LYS B 83 -18.90 -25.22 -7.28
C LYS B 83 -17.76 -24.24 -7.53
N ILE B 84 -17.86 -23.06 -6.93
CA ILE B 84 -16.88 -22.00 -7.11
C ILE B 84 -16.26 -21.61 -5.77
N TYR B 85 -14.95 -21.33 -5.78
CA TYR B 85 -14.23 -20.98 -4.56
C TYR B 85 -13.54 -19.63 -4.70
N ILE B 86 -13.81 -18.75 -3.74
CA ILE B 86 -13.24 -17.42 -3.69
C ILE B 86 -12.34 -17.29 -2.47
N VAL B 87 -11.04 -17.21 -2.70
CA VAL B 87 -10.04 -17.16 -1.62
C VAL B 87 -9.78 -15.71 -1.21
N LEU B 88 -9.93 -15.43 0.09
CA LEU B 88 -9.74 -14.06 0.59
C LEU B 88 -8.83 -14.02 1.81
N GLU B 89 -8.18 -12.88 2.04
CA GLU B 89 -7.27 -12.70 3.17
C GLU B 89 -7.99 -12.97 4.49
N PHE B 90 -7.30 -13.68 5.39
CA PHE B 90 -7.82 -14.01 6.70
C PHE B 90 -7.27 -13.04 7.73
N VAL B 91 -8.16 -12.35 8.44
CA VAL B 91 -7.73 -11.27 9.35
C VAL B 91 -7.94 -11.60 10.83
N THR B 92 -6.86 -11.47 11.59
CA THR B 92 -6.83 -11.84 13.00
C THR B 92 -7.57 -10.86 13.91
N GLY B 93 -7.42 -9.56 13.65
CA GLY B 93 -7.83 -8.49 14.56
C GLY B 93 -9.31 -8.30 14.88
N GLY B 94 -10.14 -9.26 14.48
CA GLY B 94 -11.58 -9.22 14.75
C GLY B 94 -12.24 -8.09 13.98
N GLU B 95 -13.22 -7.45 14.59
CA GLU B 95 -13.90 -6.35 13.93
C GLU B 95 -13.62 -5.06 14.67
N LEU B 96 -13.76 -3.94 13.97
CA LEU B 96 -13.42 -2.63 14.52
C LEU B 96 -14.32 -2.29 15.70
N PHE B 97 -15.60 -2.58 15.58
CA PHE B 97 -16.58 -2.13 16.55
C PHE B 97 -16.45 -2.78 17.92
N ASP B 98 -15.70 -3.87 17.96
CA ASP B 98 -15.29 -4.46 19.22
C ASP B 98 -14.54 -3.39 19.97
N ARG B 99 -13.77 -2.59 19.23
CA ARG B 99 -13.11 -1.46 19.82
C ARG B 99 -14.16 -0.56 20.40
N ILE B 100 -15.28 -0.42 19.67
CA ILE B 100 -16.36 0.41 20.17
C ILE B 100 -16.96 -0.14 21.45
N VAL B 101 -17.19 -1.45 21.51
CA VAL B 101 -17.97 -2.01 22.61
C VAL B 101 -17.33 -1.63 23.93
N HIS B 102 -16.02 -1.85 24.02
CA HIS B 102 -15.29 -1.61 25.26
C HIS B 102 -15.06 -0.13 25.59
N LYS B 103 -14.70 0.69 24.61
CA LYS B 103 -14.45 2.10 24.88
C LYS B 103 -15.70 2.92 24.62
N GLY B 104 -16.76 2.25 24.18
CA GLY B 104 -17.98 2.95 23.77
C GLY B 104 -17.66 3.80 22.55
N ARG B 105 -17.80 5.11 22.70
CA ARG B 105 -17.35 6.04 21.69
C ARG B 105 -15.83 5.92 21.55
N LEU B 106 -15.33 6.17 20.35
CA LEU B 106 -13.90 6.30 20.11
C LEU B 106 -13.50 7.77 20.10
N LYS B 107 -12.20 8.01 20.17
CA LYS B 107 -11.64 9.37 20.24
C LYS B 107 -11.71 10.06 18.88
N GLU B 108 -11.62 11.39 18.90
CA GLU B 108 -11.65 12.22 17.70
C GLU B 108 -10.57 11.82 16.72
N ASP B 109 -9.33 11.87 17.18
CA ASP B 109 -8.16 11.65 16.33
C ASP B 109 -8.11 10.23 15.80
N GLU B 110 -8.28 9.26 16.69
CA GLU B 110 -8.28 7.86 16.30
C GLU B 110 -9.35 7.67 15.25
N SER B 111 -10.59 7.92 15.63
CA SER B 111 -11.70 7.77 14.72
C SER B 111 -11.29 8.31 13.35
N ARG B 112 -10.64 9.46 13.35
CA ARG B 112 -10.25 10.15 12.12
C ARG B 112 -9.25 9.31 11.33
N LYS B 113 -8.25 8.79 12.02
CA LYS B 113 -7.27 7.89 11.43
C LYS B 113 -8.02 6.84 10.65
N TYR B 114 -8.77 6.00 11.35
CA TYR B 114 -9.52 4.94 10.71
C TYR B 114 -10.32 5.47 9.56
N PHE B 115 -11.26 6.37 9.85
CA PHE B 115 -12.13 6.89 8.81
C PHE B 115 -11.34 7.18 7.55
N GLN B 116 -10.16 7.79 7.71
CA GLN B 116 -9.29 8.08 6.57
C GLN B 116 -8.98 6.80 5.81
N GLN B 117 -8.58 5.78 6.55
CA GLN B 117 -8.25 4.47 5.99
C GLN B 117 -9.40 3.94 5.16
N LEU B 118 -10.59 3.89 5.78
CA LEU B 118 -11.80 3.38 5.13
C LEU B 118 -12.10 4.16 3.86
N VAL B 119 -12.08 5.48 3.97
CA VAL B 119 -12.36 6.35 2.83
C VAL B 119 -11.37 6.08 1.70
N ASP B 120 -10.08 6.00 2.03
CA ASP B 120 -9.04 5.71 1.06
C ASP B 120 -9.34 4.42 0.29
N ALA B 121 -9.66 3.36 1.04
CA ALA B 121 -9.98 2.06 0.47
C ALA B 121 -11.18 2.15 -0.47
N VAL B 122 -12.26 2.75 0.01
CA VAL B 122 -13.48 2.91 -0.79
C VAL B 122 -13.14 3.65 -2.08
N ALA B 123 -12.49 4.81 -1.94
CA ALA B 123 -12.13 5.64 -3.09
C ALA B 123 -11.36 4.86 -4.14
N HIS B 124 -10.40 4.06 -3.70
CA HIS B 124 -9.61 3.22 -4.61
C HIS B 124 -10.53 2.30 -5.40
N CYS B 125 -11.45 1.63 -4.70
CA CYS B 125 -12.41 0.75 -5.35
C CYS B 125 -13.28 1.51 -6.34
N HIS B 126 -13.90 2.59 -5.88
CA HIS B 126 -14.82 3.38 -6.70
C HIS B 126 -14.17 3.81 -8.01
N SER B 127 -12.87 4.12 -7.94
CA SER B 127 -12.10 4.50 -9.10
C SER B 127 -12.03 3.34 -10.08
N LYS B 128 -11.88 2.14 -9.53
CA LYS B 128 -11.74 0.95 -10.35
C LYS B 128 -13.06 0.55 -10.98
N GLY B 129 -14.14 1.22 -10.57
CA GLY B 129 -15.47 0.99 -11.12
C GLY B 129 -16.27 -0.07 -10.37
N VAL B 130 -16.02 -0.17 -9.06
CA VAL B 130 -16.63 -1.19 -8.21
C VAL B 130 -17.14 -0.54 -6.94
N TYR B 131 -18.41 -0.78 -6.65
CA TYR B 131 -19.07 -0.15 -5.52
C TYR B 131 -19.44 -1.26 -4.54
N HIS B 132 -19.50 -0.91 -3.26
CA HIS B 132 -19.73 -1.91 -2.22
C HIS B 132 -21.21 -2.26 -2.14
N ARG B 133 -22.03 -1.26 -1.81
CA ARG B 133 -23.50 -1.40 -1.75
C ARG B 133 -24.02 -2.05 -0.47
N ASP B 134 -23.14 -2.32 0.49
CA ASP B 134 -23.56 -3.00 1.71
C ASP B 134 -22.78 -2.60 2.97
N LEU B 135 -21.82 -1.70 2.84
CA LEU B 135 -20.96 -1.29 3.96
C LEU B 135 -21.70 -1.36 5.30
N LYS B 136 -21.16 -2.17 6.20
CA LYS B 136 -21.75 -2.48 7.51
C LYS B 136 -20.59 -2.82 8.46
N PRO B 137 -20.83 -2.83 9.79
CA PRO B 137 -19.71 -3.12 10.73
C PRO B 137 -18.98 -4.41 10.41
N GLU B 138 -19.74 -5.47 10.11
CA GLU B 138 -19.22 -6.79 9.80
C GLU B 138 -18.05 -6.69 8.83
N ASN B 139 -18.14 -5.75 7.91
CA ASN B 139 -17.11 -5.54 6.91
C ASN B 139 -15.82 -4.93 7.46
N LEU B 140 -15.94 -4.05 8.46
CA LEU B 140 -14.80 -3.25 8.92
C LEU B 140 -13.90 -3.97 9.92
N LEU B 141 -12.98 -4.77 9.39
CA LEU B 141 -12.13 -5.65 10.19
C LEU B 141 -10.75 -5.05 10.51
N LEU B 142 -10.04 -5.67 11.46
CA LEU B 142 -8.70 -5.25 11.82
C LEU B 142 -7.67 -6.37 11.62
N ASP B 143 -6.47 -5.99 11.19
CA ASP B 143 -5.34 -6.93 11.13
C ASP B 143 -4.68 -7.01 12.51
N THR B 144 -3.82 -8.01 12.70
CA THR B 144 -3.05 -8.16 13.95
C THR B 144 -2.33 -6.87 14.30
N ASN B 145 -1.75 -6.25 13.28
CA ASN B 145 -1.07 -4.96 13.42
C ASN B 145 -2.04 -3.86 13.83
N GLY B 146 -3.34 -4.14 13.70
CA GLY B 146 -4.37 -3.22 14.16
C GLY B 146 -4.93 -2.29 13.10
N ASN B 147 -4.40 -2.37 11.88
CA ASN B 147 -4.90 -1.57 10.76
C ASN B 147 -6.26 -2.03 10.24
N LEU B 148 -7.04 -1.09 9.72
CA LEU B 148 -8.34 -1.40 9.14
C LEU B 148 -8.26 -2.00 7.76
N LYS B 149 -9.11 -3.00 7.54
CA LYS B 149 -9.23 -3.69 6.28
C LYS B 149 -10.70 -4.00 6.08
N VAL B 150 -11.28 -3.54 4.96
CA VAL B 150 -12.70 -3.76 4.69
C VAL B 150 -12.94 -5.05 3.87
N SER B 151 -13.91 -5.83 4.31
CA SER B 151 -14.24 -7.11 3.69
C SER B 151 -15.38 -6.97 2.68
N ASP B 152 -15.61 -8.06 1.94
CA ASP B 152 -16.77 -8.21 1.06
C ASP B 152 -16.97 -7.05 0.06
N PHE B 153 -15.87 -6.62 -0.55
CA PHE B 153 -15.93 -5.61 -1.61
C PHE B 153 -16.12 -6.33 -2.94
N GLY B 154 -17.21 -6.00 -3.63
CA GLY B 154 -17.57 -6.62 -4.90
C GLY B 154 -18.20 -7.99 -4.76
N LEU B 155 -18.75 -8.27 -3.58
CA LEU B 155 -19.30 -9.59 -3.26
C LEU B 155 -20.78 -9.55 -2.86
N SER B 156 -21.31 -8.36 -2.60
CA SER B 156 -22.75 -8.22 -2.33
C SER B 156 -23.55 -8.51 -3.60
N ALA B 157 -22.89 -8.33 -4.75
CA ALA B 157 -23.45 -8.72 -6.05
C ALA B 157 -23.66 -10.23 -6.13
N LEU B 158 -22.82 -10.98 -5.41
CA LEU B 158 -23.00 -12.43 -5.31
C LEU B 158 -24.38 -12.74 -4.75
N PRO B 159 -25.03 -13.80 -5.27
CA PRO B 159 -26.42 -14.08 -4.88
C PRO B 159 -26.63 -14.14 -3.37
N GLN B 160 -27.54 -13.31 -2.86
CA GLN B 160 -27.88 -13.22 -1.43
C GLN B 160 -26.77 -13.69 -0.49
N ASN B 167 -35.14 -17.29 10.77
CA ASN B 167 -35.86 -16.25 11.50
C ASN B 167 -34.91 -15.25 12.18
N ASP B 168 -33.95 -15.78 12.93
CA ASP B 168 -33.03 -14.98 13.72
C ASP B 168 -31.90 -14.44 12.86
N THR B 169 -31.92 -13.12 12.66
CA THR B 169 -30.98 -12.41 11.79
C THR B 169 -30.76 -11.01 12.35
N CYS B 170 -29.51 -10.57 12.38
CA CYS B 170 -29.12 -9.31 13.03
C CYS B 170 -28.80 -8.17 12.05
N GLY B 171 -29.30 -8.28 10.82
CA GLY B 171 -29.13 -7.24 9.80
C GLY B 171 -29.48 -5.85 10.30
N THR B 172 -28.67 -4.87 9.90
CA THR B 172 -28.86 -3.48 10.33
C THR B 172 -29.23 -2.63 9.12
N PRO B 173 -30.41 -1.97 9.15
CA PRO B 173 -30.81 -1.23 7.96
C PRO B 173 -30.45 0.25 8.02
N ASN B 174 -29.90 0.69 9.15
CA ASN B 174 -29.57 2.10 9.38
C ASN B 174 -28.63 2.66 8.32
N TYR B 175 -27.62 1.87 7.98
CA TYR B 175 -26.60 2.28 7.04
C TYR B 175 -27.13 2.48 5.63
N VAL B 176 -28.22 1.79 5.29
CA VAL B 176 -28.79 1.85 3.94
C VAL B 176 -29.29 3.26 3.55
N ALA B 177 -28.62 3.86 2.58
CA ALA B 177 -28.97 5.20 2.09
C ALA B 177 -30.41 5.27 1.57
N PRO B 178 -31.11 6.38 1.86
CA PRO B 178 -32.55 6.42 1.58
C PRO B 178 -32.87 6.03 0.14
N GLU B 179 -32.03 6.49 -0.78
CA GLU B 179 -32.27 6.28 -2.20
C GLU B 179 -32.43 4.81 -2.48
N VAL B 180 -31.74 4.00 -1.70
CA VAL B 180 -31.86 2.56 -1.78
C VAL B 180 -33.21 2.09 -1.28
N LEU B 181 -33.81 2.86 -0.37
CA LEU B 181 -35.11 2.51 0.17
C LEU B 181 -36.12 2.40 -0.97
N SER B 182 -35.98 3.29 -1.94
CA SER B 182 -36.87 3.34 -3.08
C SER B 182 -36.92 1.98 -3.73
N GLY B 183 -35.79 1.29 -3.72
CA GLY B 183 -35.72 -0.05 -4.27
C GLY B 183 -35.53 0.01 -5.77
N GLN B 184 -35.19 1.19 -6.27
CA GLN B 184 -34.99 1.36 -7.70
C GLN B 184 -33.50 1.45 -8.01
N GLY B 185 -33.04 2.61 -8.46
CA GLY B 185 -31.63 2.82 -8.78
C GLY B 185 -30.96 3.84 -7.89
N TYR B 186 -29.64 3.83 -7.91
CA TYR B 186 -28.83 4.75 -7.10
C TYR B 186 -27.39 4.79 -7.58
N ASP B 187 -26.70 5.89 -7.29
CA ASP B 187 -25.26 5.94 -7.43
C ASP B 187 -24.74 4.86 -6.51
N GLY B 188 -23.94 3.93 -7.06
CA GLY B 188 -23.25 2.96 -6.23
C GLY B 188 -22.35 3.71 -5.27
N SER B 189 -21.71 4.75 -5.80
CA SER B 189 -20.77 5.57 -5.05
C SER B 189 -21.45 6.28 -3.89
N ALA B 190 -22.55 6.97 -4.18
CA ALA B 190 -23.23 7.79 -3.18
C ALA B 190 -23.68 6.98 -1.97
N ALA B 191 -24.26 5.80 -2.24
CA ALA B 191 -24.74 4.89 -1.20
C ALA B 191 -23.59 4.45 -0.30
N ASP B 192 -22.45 4.15 -0.91
CA ASP B 192 -21.25 3.81 -0.15
C ASP B 192 -20.81 5.00 0.68
N ILE B 193 -20.83 6.18 0.07
CA ILE B 193 -20.43 7.42 0.76
C ILE B 193 -21.37 7.73 1.92
N TRP B 194 -22.67 7.56 1.72
CA TRP B 194 -23.62 7.68 2.82
C TRP B 194 -23.24 6.70 3.93
N SER B 195 -22.97 5.46 3.57
CA SER B 195 -22.66 4.40 4.54
C SER B 195 -21.49 4.74 5.47
N CYS B 196 -20.41 5.27 4.90
CA CYS B 196 -19.24 5.69 5.69
C CYS B 196 -19.65 6.74 6.72
N GLY B 197 -20.53 7.65 6.31
CA GLY B 197 -21.05 8.68 7.19
C GLY B 197 -21.67 8.12 8.45
N VAL B 198 -22.50 7.08 8.30
CA VAL B 198 -23.09 6.40 9.44
C VAL B 198 -21.99 5.73 10.25
N ILE B 199 -21.05 5.08 9.55
CA ILE B 199 -19.90 4.44 10.20
C ILE B 199 -19.15 5.49 11.01
N LEU B 200 -18.78 6.60 10.35
CA LEU B 200 -18.07 7.69 11.00
C LEU B 200 -18.84 8.21 12.21
N PHE B 201 -20.15 8.41 12.02
CA PHE B 201 -21.01 8.88 13.11
C PHE B 201 -21.02 7.90 14.28
N VAL B 202 -21.15 6.60 14.00
CA VAL B 202 -21.23 5.59 15.06
C VAL B 202 -19.93 5.52 15.86
N ILE B 203 -18.80 5.57 15.17
CA ILE B 203 -17.48 5.59 15.83
C ILE B 203 -17.40 6.71 16.87
N LEU B 204 -17.75 7.93 16.46
CA LEU B 204 -17.65 9.11 17.31
C LEU B 204 -18.64 9.17 18.47
N ALA B 205 -19.89 8.79 18.22
CA ALA B 205 -20.97 8.93 19.21
C ALA B 205 -21.37 7.62 19.89
N GLY B 206 -20.83 6.50 19.40
CA GLY B 206 -21.11 5.21 20.01
C GLY B 206 -22.58 4.81 20.02
N TYR B 207 -23.34 5.37 19.08
CA TYR B 207 -24.69 4.88 18.80
C TYR B 207 -25.13 5.18 17.37
N LEU B 208 -26.27 4.62 16.99
CA LEU B 208 -26.82 4.77 15.64
C LEU B 208 -27.56 6.09 15.46
N PRO B 209 -27.19 6.86 14.42
CA PRO B 209 -27.78 8.19 14.27
C PRO B 209 -29.30 8.16 14.14
N PHE B 210 -29.83 7.04 13.68
CA PHE B 210 -31.28 6.86 13.54
C PHE B 210 -31.66 5.64 14.37
N SER B 211 -32.38 5.87 15.47
CA SER B 211 -32.48 4.87 16.52
C SER B 211 -33.91 4.54 16.95
N GLU B 212 -34.64 3.87 16.07
CA GLU B 212 -35.95 3.33 16.41
C GLU B 212 -35.94 1.81 16.50
N THR B 213 -36.85 1.29 17.31
CA THR B 213 -37.38 -0.07 17.14
C THR B 213 -38.74 0.03 16.45
N ASP B 214 -39.17 1.28 16.19
CA ASP B 214 -40.30 1.56 15.32
C ASP B 214 -39.79 1.70 13.90
N LEU B 215 -39.97 0.64 13.12
CA LEU B 215 -39.45 0.63 11.76
C LEU B 215 -40.05 1.69 10.85
N PRO B 216 -41.38 1.93 10.93
CA PRO B 216 -41.86 3.00 10.06
C PRO B 216 -41.21 4.32 10.45
N GLY B 217 -41.07 4.52 11.75
CA GLY B 217 -40.42 5.69 12.32
C GLY B 217 -38.95 5.77 11.92
N LEU B 218 -38.32 4.61 11.82
CA LEU B 218 -36.95 4.50 11.33
C LEU B 218 -36.82 5.02 9.90
N TYR B 219 -37.55 4.40 8.99
CA TYR B 219 -37.56 4.84 7.60
C TYR B 219 -38.02 6.29 7.49
N ARG B 220 -38.91 6.69 8.41
CA ARG B 220 -39.37 8.06 8.54
C ARG B 220 -38.16 8.97 8.70
N LYS B 221 -37.26 8.58 9.61
CA LYS B 221 -36.12 9.41 9.99
C LYS B 221 -34.99 9.43 8.96
N ILE B 222 -34.70 8.28 8.37
CA ILE B 222 -33.66 8.15 7.33
C ILE B 222 -33.97 9.00 6.11
N ASN B 223 -35.12 8.73 5.50
CA ASN B 223 -35.53 9.46 4.31
C ASN B 223 -35.49 10.95 4.58
N ALA B 224 -35.64 11.31 5.85
CA ALA B 224 -35.60 12.68 6.25
C ALA B 224 -34.15 13.09 6.46
N ALA B 225 -33.33 12.10 6.82
CA ALA B 225 -31.95 12.29 7.31
C ALA B 225 -31.96 13.10 8.61
N GLU B 226 -32.76 12.63 9.56
CA GLU B 226 -32.98 13.29 10.84
C GLU B 226 -32.30 12.46 11.91
N PHE B 227 -31.28 13.04 12.55
CA PHE B 227 -30.42 12.29 13.48
C PHE B 227 -29.94 13.09 14.69
N ASP B 228 -29.41 12.37 15.68
CA ASP B 228 -28.89 12.98 16.91
C ASP B 228 -27.40 13.31 16.84
N CYS B 229 -27.08 14.60 16.98
CA CYS B 229 -25.71 15.10 16.90
C CYS B 229 -25.20 15.39 18.32
N PRO B 230 -24.10 14.73 18.75
CA PRO B 230 -23.63 14.95 20.12
C PRO B 230 -22.89 16.27 20.32
N PRO B 231 -22.96 16.83 21.55
CA PRO B 231 -22.27 18.10 21.81
C PRO B 231 -20.76 17.99 21.63
N TRP B 232 -20.18 16.86 22.05
CA TRP B 232 -18.74 16.63 21.94
C TRP B 232 -18.25 16.62 20.50
N PHE B 233 -19.18 16.43 19.56
CA PHE B 233 -18.87 16.62 18.15
C PHE B 233 -18.33 18.01 17.92
N SER B 234 -17.19 18.11 17.25
CA SER B 234 -16.63 19.39 16.86
C SER B 234 -17.42 19.93 15.68
N ALA B 235 -17.32 21.24 15.46
CA ALA B 235 -18.07 21.95 14.41
C ALA B 235 -17.78 21.44 13.00
N GLU B 236 -16.50 21.34 12.66
CA GLU B 236 -16.09 20.94 11.32
C GLU B 236 -16.52 19.49 11.05
N VAL B 237 -16.39 18.65 12.06
CA VAL B 237 -16.90 17.27 12.00
C VAL B 237 -18.40 17.30 11.71
N LYS B 238 -19.13 18.15 12.43
CA LYS B 238 -20.57 18.28 12.23
C LYS B 238 -20.86 18.60 10.77
N PHE B 239 -20.16 19.61 10.24
CA PHE B 239 -20.27 20.02 8.83
C PHE B 239 -20.08 18.84 7.88
N LEU B 240 -18.99 18.10 8.09
CA LEU B 240 -18.68 16.95 7.27
C LEU B 240 -19.79 15.90 7.32
N ILE B 241 -20.23 15.55 8.52
CA ILE B 241 -21.33 14.60 8.73
C ILE B 241 -22.60 15.05 7.99
N HIS B 242 -22.98 16.32 8.17
CA HIS B 242 -24.19 16.87 7.55
C HIS B 242 -24.12 16.80 6.04
N ARG B 243 -22.95 17.05 5.46
CA ARG B 243 -22.77 16.97 4.02
C ARG B 243 -22.75 15.52 3.55
N ILE B 244 -22.06 14.66 4.31
CA ILE B 244 -22.03 13.23 4.01
C ILE B 244 -23.42 12.61 4.16
N LEU B 245 -24.16 13.08 5.16
CA LEU B 245 -25.48 12.50 5.39
C LEU B 245 -26.62 13.31 4.76
N ASP B 246 -26.46 13.59 3.47
CA ASP B 246 -27.49 14.23 2.66
C ASP B 246 -28.43 13.14 2.14
N PRO B 247 -29.75 13.33 2.31
CA PRO B 247 -30.61 12.27 1.78
C PRO B 247 -30.72 12.35 0.28
N ASN B 248 -30.24 13.43 -0.33
CA ASN B 248 -30.23 13.48 -1.79
C ASN B 248 -28.91 13.18 -2.44
N PRO B 249 -28.94 12.28 -3.40
CA PRO B 249 -27.59 11.97 -3.75
C PRO B 249 -26.97 12.92 -4.74
N LYS B 250 -27.76 13.84 -5.29
CA LYS B 250 -27.19 14.82 -6.19
C LYS B 250 -26.54 15.94 -5.39
N THR B 251 -26.99 16.13 -4.14
CA THR B 251 -26.38 17.13 -3.26
C THR B 251 -25.52 16.48 -2.21
N ARG B 252 -25.29 15.18 -2.34
CA ARG B 252 -24.42 14.51 -1.38
C ARG B 252 -22.98 14.71 -1.79
N ILE B 253 -22.11 14.85 -0.80
CA ILE B 253 -20.69 15.13 -1.02
C ILE B 253 -19.96 13.95 -1.64
N GLN B 254 -18.97 14.23 -2.47
CA GLN B 254 -18.22 13.22 -3.20
C GLN B 254 -16.89 12.91 -2.51
N ILE B 255 -16.31 11.75 -2.81
CA ILE B 255 -15.01 11.35 -2.24
C ILE B 255 -13.97 12.46 -2.36
N GLN B 256 -13.89 13.04 -3.55
CA GLN B 256 -13.01 14.18 -3.81
C GLN B 256 -13.24 15.30 -2.79
N GLY B 257 -14.50 15.70 -2.64
CA GLY B 257 -14.91 16.72 -1.70
C GLY B 257 -14.47 16.41 -0.28
N ILE B 258 -14.74 15.18 0.16
CA ILE B 258 -14.40 14.79 1.53
C ILE B 258 -12.89 14.71 1.74
N LYS B 259 -12.16 14.30 0.71
CA LYS B 259 -10.70 14.27 0.76
C LYS B 259 -10.08 15.66 0.93
N LYS B 260 -10.72 16.67 0.35
CA LYS B 260 -10.25 18.05 0.45
C LYS B 260 -10.88 18.80 1.62
N ASP B 261 -11.63 18.06 2.44
CA ASP B 261 -12.32 18.60 3.61
C ASP B 261 -11.34 18.77 4.78
N PRO B 262 -11.48 19.87 5.53
CA PRO B 262 -10.56 20.25 6.62
C PRO B 262 -10.45 19.21 7.71
N TRP B 263 -11.56 18.83 8.34
CA TRP B 263 -11.53 17.87 9.44
C TRP B 263 -10.94 16.54 9.00
N PHE B 264 -11.21 16.16 7.76
CA PHE B 264 -10.77 14.88 7.26
C PHE B 264 -9.28 14.97 6.98
N ARG B 265 -8.86 16.17 6.59
CA ARG B 265 -7.52 16.43 6.10
C ARG B 265 -6.44 16.46 7.20
N LYS B 266 -6.81 16.95 8.38
CA LYS B 266 -5.88 17.03 9.51
C LYS B 266 -5.12 15.72 9.70
N ASN B 267 -3.80 15.81 9.60
CA ASN B 267 -2.90 14.66 9.74
C ASN B 267 -3.17 13.53 8.74
N TYR B 268 -3.62 13.91 7.55
CA TYR B 268 -3.94 12.92 6.53
C TYR B 268 -2.90 12.94 5.43
N VAL B 269 -2.50 11.74 5.01
CA VAL B 269 -1.57 11.55 3.90
C VAL B 269 -2.06 10.39 3.06
N PRO B 270 -2.30 10.62 1.76
CA PRO B 270 -3.04 9.66 0.93
C PRO B 270 -2.24 8.37 0.75
N ILE B 271 -2.79 7.27 1.25
CA ILE B 271 -2.15 5.98 1.06
C ILE B 271 -2.13 5.70 -0.44
N ARG B 272 -0.95 5.34 -0.94
CA ARG B 272 -0.81 4.90 -2.32
C ARG B 272 -0.83 3.38 -2.36
N ALA B 273 -1.64 2.83 -3.25
CA ALA B 273 -1.56 1.42 -3.60
C ALA B 273 -1.30 1.36 -5.08
N ARG B 274 -0.25 0.68 -5.48
CA ARG B 274 0.06 0.56 -6.90
C ARG B 274 -0.09 -0.88 -7.39
N GLU B 275 -0.67 -0.99 -8.59
CA GLU B 275 -1.21 -2.24 -9.07
C GLU B 275 -0.92 -2.44 -10.55
N GLU B 276 -0.83 -3.70 -10.94
CA GLU B 276 -0.75 -4.05 -12.36
C GLU B 276 -2.01 -3.53 -13.04
N GLU B 277 -1.86 -2.98 -14.23
CA GLU B 277 -3.00 -2.68 -15.08
C GLU B 277 -3.84 -3.95 -15.18
N GLU B 278 -5.16 -3.80 -15.14
CA GLU B 278 -6.07 -4.95 -15.17
C GLU B 278 -5.58 -6.03 -16.11
N VAL B 279 -5.30 -7.21 -15.54
CA VAL B 279 -4.78 -8.35 -16.28
C VAL B 279 -5.82 -8.82 -17.30
N ASN B 280 -5.35 -9.40 -18.41
CA ASN B 280 -6.21 -9.82 -19.51
C ASN B 280 -7.60 -10.23 -19.05
N LEU B 281 -8.61 -9.54 -19.56
CA LEU B 281 -9.98 -9.89 -19.23
C LEU B 281 -10.18 -11.36 -19.53
N ASP B 282 -9.57 -11.84 -20.62
CA ASP B 282 -9.60 -13.26 -20.94
C ASP B 282 -9.57 -14.03 -19.63
N ASP B 283 -8.69 -13.61 -18.72
CA ASP B 283 -8.72 -14.10 -17.35
C ASP B 283 -10.10 -13.87 -16.73
N ILE B 284 -10.67 -12.68 -16.95
CA ILE B 284 -12.02 -12.35 -16.45
C ILE B 284 -13.09 -13.32 -16.97
N ARG B 285 -13.06 -13.61 -18.27
CA ARG B 285 -13.98 -14.58 -18.85
C ARG B 285 -13.69 -15.98 -18.32
N ALA B 286 -12.40 -16.29 -18.18
CA ALA B 286 -11.96 -17.60 -17.69
C ALA B 286 -12.02 -17.70 -16.17
N VAL B 287 -12.44 -16.60 -15.52
CA VAL B 287 -12.53 -16.57 -14.07
C VAL B 287 -13.35 -17.75 -13.51
N PHE B 288 -14.42 -18.12 -14.20
CA PHE B 288 -15.38 -19.10 -13.68
C PHE B 288 -15.44 -20.46 -14.37
N ASP B 289 -15.15 -20.50 -15.68
CA ASP B 289 -15.29 -21.71 -16.50
C ASP B 289 -16.60 -22.47 -16.24
N ARG C 7 -46.36 -3.45 43.20
CA ARG C 7 -47.83 -3.43 43.49
C ARG C 7 -48.44 -2.06 43.22
N VAL C 8 -49.26 -1.97 42.19
CA VAL C 8 -49.98 -0.75 41.84
C VAL C 8 -51.49 -1.01 41.82
N GLY C 9 -52.24 -0.18 42.54
CA GLY C 9 -53.68 -0.35 42.66
C GLY C 9 -54.02 -1.76 43.07
N LYS C 10 -54.92 -2.39 42.32
CA LYS C 10 -55.35 -3.77 42.58
C LYS C 10 -54.22 -4.77 42.41
N TYR C 11 -53.41 -4.55 41.39
CA TYR C 11 -52.49 -5.55 40.87
C TYR C 11 -51.18 -5.65 41.66
N GLU C 12 -50.94 -6.82 42.25
CA GLU C 12 -49.64 -7.11 42.83
C GLU C 12 -48.71 -7.33 41.65
N VAL C 13 -47.87 -6.34 41.38
CA VAL C 13 -46.95 -6.35 40.25
C VAL C 13 -45.74 -7.23 40.55
N GLY C 14 -45.23 -7.88 39.50
CA GLY C 14 -43.93 -8.55 39.57
C GLY C 14 -42.88 -7.69 38.89
N ARG C 15 -41.94 -8.34 38.21
CA ARG C 15 -40.86 -7.68 37.44
C ARG C 15 -40.14 -8.78 36.64
N THR C 16 -39.68 -8.53 35.41
CA THR C 16 -40.10 -7.47 34.47
C THR C 16 -39.87 -8.18 33.14
N ILE C 17 -40.80 -8.11 32.20
CA ILE C 17 -40.56 -8.77 30.90
C ILE C 17 -39.51 -7.98 30.09
N GLY C 18 -38.79 -8.71 29.24
CA GLY C 18 -37.77 -8.15 28.34
C GLY C 18 -38.18 -6.84 27.70
N GLU C 19 -37.28 -5.87 27.75
CA GLU C 19 -37.61 -4.49 27.39
C GLU C 19 -36.47 -3.71 26.75
N GLY C 20 -36.85 -2.73 25.93
CA GLY C 20 -35.94 -1.65 25.58
C GLY C 20 -35.76 -0.81 26.82
N THR C 21 -34.70 0.01 26.82
CA THR C 21 -34.39 0.87 27.97
C THR C 21 -35.58 1.73 28.39
N PHE C 22 -36.26 2.31 27.41
CA PHE C 22 -37.38 3.23 27.67
C PHE C 22 -38.56 2.63 28.42
N ALA C 23 -38.97 1.42 28.06
CA ALA C 23 -40.17 0.81 28.65
C ALA C 23 -40.14 -0.72 28.72
N LYS C 24 -40.82 -1.26 29.74
CA LYS C 24 -41.00 -2.69 29.90
C LYS C 24 -42.39 -3.04 30.42
N VAL C 25 -42.91 -4.17 29.97
CA VAL C 25 -44.09 -4.75 30.60
C VAL C 25 -43.65 -5.80 31.60
N LYS C 26 -43.91 -5.54 32.88
CA LYS C 26 -43.59 -6.51 33.90
C LYS C 26 -44.66 -7.58 33.89
N PHE C 27 -44.44 -8.67 34.62
CA PHE C 27 -45.51 -9.62 34.88
C PHE C 27 -46.31 -9.09 36.06
N ALA C 28 -47.59 -9.43 36.10
CA ALA C 28 -48.47 -8.99 37.17
C ALA C 28 -49.73 -9.85 37.29
N ARG C 29 -50.39 -9.73 38.43
CA ARG C 29 -51.64 -10.42 38.67
C ARG C 29 -52.64 -9.51 39.38
N ASN C 30 -53.76 -9.28 38.72
CA ASN C 30 -54.90 -8.66 39.39
C ASN C 30 -55.18 -9.49 40.62
N THR C 31 -55.43 -8.79 41.71
CA THR C 31 -55.52 -9.46 42.96
C THR C 31 -56.99 -9.72 43.21
N ASP C 32 -57.79 -8.66 43.14
CA ASP C 32 -59.24 -8.73 43.33
C ASP C 32 -59.94 -9.86 42.56
N THR C 33 -59.53 -10.07 41.31
CA THR C 33 -60.02 -11.21 40.53
C THR C 33 -58.98 -12.32 40.48
N GLY C 34 -57.79 -12.04 40.99
CA GLY C 34 -56.72 -13.03 40.99
C GLY C 34 -56.44 -13.57 39.60
N ASP C 35 -56.80 -12.77 38.59
CA ASP C 35 -56.37 -12.99 37.23
C ASP C 35 -54.95 -12.45 37.12
N ASN C 36 -54.17 -13.00 36.19
CA ASN C 36 -52.79 -12.55 35.94
C ASN C 36 -52.70 -11.71 34.65
N VAL C 37 -51.88 -10.67 34.69
CA VAL C 37 -51.71 -9.80 33.52
C VAL C 37 -50.27 -9.46 33.25
N ALA C 38 -50.01 -9.06 32.01
CA ALA C 38 -48.83 -8.29 31.67
C ALA C 38 -49.21 -6.82 31.80
N ILE C 39 -48.25 -5.99 32.24
CA ILE C 39 -48.47 -4.56 32.39
C ILE C 39 -47.42 -3.68 31.75
N LYS C 40 -47.90 -2.81 30.86
CA LYS C 40 -47.10 -1.82 30.17
C LYS C 40 -46.75 -0.67 31.12
N ILE C 41 -45.47 -0.39 31.32
CA ILE C 41 -45.15 0.80 32.09
C ILE C 41 -44.16 1.70 31.37
N MET C 42 -44.55 2.95 31.24
CA MET C 42 -43.82 3.95 30.47
C MET C 42 -44.03 5.33 31.08
N ALA C 43 -43.04 6.20 30.90
CA ALA C 43 -43.07 7.56 31.43
C ALA C 43 -44.26 8.34 30.89
N LYS C 44 -45.05 8.91 31.80
CA LYS C 44 -46.25 9.66 31.47
C LYS C 44 -45.96 10.85 30.56
N SER C 45 -44.92 11.61 30.91
CA SER C 45 -44.57 12.84 30.21
C SER C 45 -44.25 12.58 28.74
N THR C 46 -43.43 11.56 28.48
CA THR C 46 -43.03 11.21 27.13
C THR C 46 -44.24 11.09 26.22
N ILE C 47 -45.26 10.37 26.68
CA ILE C 47 -46.48 10.14 25.91
C ILE C 47 -47.22 11.45 25.64
N LEU C 48 -47.32 12.26 26.68
CA LEU C 48 -48.15 13.47 26.65
C LEU C 48 -47.64 14.55 25.73
N LYS C 49 -46.33 14.64 25.59
CA LYS C 49 -45.75 15.71 24.80
C LYS C 49 -45.34 15.15 23.45
N ASN C 50 -46.32 14.61 22.76
CA ASN C 50 -46.15 13.96 21.47
C ASN C 50 -47.17 14.47 20.46
N ARG C 51 -46.78 14.52 19.19
CA ARG C 51 -47.69 14.85 18.11
C ARG C 51 -48.93 13.98 18.17
N MET C 52 -48.74 12.71 18.49
CA MET C 52 -49.80 11.72 18.34
C MET C 52 -50.55 11.41 19.63
N VAL C 53 -50.36 12.24 20.67
CA VAL C 53 -51.01 12.01 21.96
C VAL C 53 -52.51 11.75 21.80
N ASP C 54 -53.17 12.58 21.00
CA ASP C 54 -54.61 12.47 20.77
C ASP C 54 -55.00 11.14 20.13
N GLN C 55 -54.29 10.77 19.05
CA GLN C 55 -54.53 9.48 18.40
C GLN C 55 -54.29 8.34 19.39
N ILE C 56 -53.20 8.45 20.16
CA ILE C 56 -52.87 7.46 21.19
C ILE C 56 -54.05 7.31 22.13
N LYS C 57 -54.50 8.43 22.71
CA LYS C 57 -55.63 8.44 23.62
C LYS C 57 -56.82 7.72 23.01
N ARG C 58 -57.22 8.16 21.81
CA ARG C 58 -58.34 7.58 21.09
C ARG C 58 -58.17 6.07 20.95
N GLU C 59 -57.02 5.67 20.40
CA GLU C 59 -56.74 4.27 20.11
C GLU C 59 -56.75 3.41 21.38
N ILE C 60 -56.08 3.90 22.41
CA ILE C 60 -56.06 3.23 23.71
C ILE C 60 -57.49 3.00 24.21
N SER C 61 -58.28 4.08 24.20
CA SER C 61 -59.67 4.04 24.66
C SER C 61 -60.50 3.03 23.90
N ILE C 62 -60.39 3.04 22.57
CA ILE C 62 -61.13 2.11 21.71
C ILE C 62 -60.74 0.67 22.04
N MET C 63 -59.43 0.43 22.10
CA MET C 63 -58.91 -0.89 22.40
C MET C 63 -59.38 -1.37 23.76
N LYS C 64 -59.35 -0.45 24.73
CA LYS C 64 -59.81 -0.73 26.08
C LYS C 64 -61.20 -1.34 26.08
N ILE C 65 -61.98 -1.00 25.06
CA ILE C 65 -63.38 -1.34 25.00
C ILE C 65 -63.67 -2.38 23.93
N VAL C 66 -62.65 -2.63 23.10
CA VAL C 66 -62.67 -3.74 22.17
C VAL C 66 -62.70 -5.04 22.95
N ARG C 67 -63.50 -5.98 22.48
CA ARG C 67 -63.51 -7.35 22.98
C ARG C 67 -63.64 -8.31 21.80
N HIS C 68 -62.64 -9.16 21.62
CA HIS C 68 -62.55 -10.05 20.48
C HIS C 68 -61.62 -11.21 20.85
N PRO C 69 -62.09 -12.46 20.67
CA PRO C 69 -61.38 -13.64 21.19
C PRO C 69 -60.02 -13.84 20.53
N ASN C 70 -59.71 -13.00 19.56
CA ASN C 70 -58.48 -13.14 18.80
C ASN C 70 -57.52 -12.00 19.04
N ILE C 71 -58.04 -10.95 19.68
CA ILE C 71 -57.26 -9.78 20.00
C ILE C 71 -56.96 -9.76 21.49
N VAL C 72 -55.68 -9.67 21.84
CA VAL C 72 -55.29 -9.56 23.24
C VAL C 72 -55.91 -8.31 23.85
N ARG C 73 -56.71 -8.55 24.89
CA ARG C 73 -57.52 -7.50 25.50
C ARG C 73 -56.70 -6.50 26.30
N LEU C 74 -57.26 -5.32 26.50
CA LEU C 74 -56.70 -4.33 27.40
C LEU C 74 -57.70 -4.06 28.51
N TYR C 75 -57.39 -4.53 29.71
CA TYR C 75 -58.33 -4.47 30.82
C TYR C 75 -58.56 -3.05 31.32
N GLU C 76 -57.47 -2.33 31.57
CA GLU C 76 -57.53 -1.09 32.32
C GLU C 76 -56.36 -0.18 31.99
N VAL C 77 -56.43 1.06 32.45
CA VAL C 77 -55.30 1.98 32.39
C VAL C 77 -55.14 2.58 33.77
N LEU C 78 -53.90 2.72 34.22
CA LEU C 78 -53.62 3.35 35.50
C LEU C 78 -52.53 4.39 35.31
N ALA C 79 -52.71 5.56 35.93
CA ALA C 79 -51.79 6.66 35.73
C ALA C 79 -51.15 7.17 37.01
N SER C 80 -49.82 7.10 37.05
CA SER C 80 -49.02 7.64 38.14
C SER C 80 -48.91 9.15 37.98
N LYS C 81 -48.31 9.80 38.97
CA LYS C 81 -47.92 11.20 38.85
C LYS C 81 -46.91 11.36 37.72
N SER C 82 -46.02 10.37 37.58
CA SER C 82 -44.90 10.47 36.65
C SER C 82 -44.93 9.52 35.44
N LYS C 83 -45.77 8.50 35.49
CA LYS C 83 -45.82 7.49 34.43
C LYS C 83 -47.20 6.81 34.27
N ILE C 84 -47.40 6.18 33.12
CA ILE C 84 -48.65 5.48 32.81
C ILE C 84 -48.43 3.97 32.76
N TYR C 85 -49.33 3.24 33.42
CA TYR C 85 -49.34 1.79 33.40
C TYR C 85 -50.54 1.29 32.59
N ILE C 86 -50.25 0.47 31.58
CA ILE C 86 -51.28 -0.14 30.74
C ILE C 86 -51.43 -1.60 31.18
N VAL C 87 -52.64 -2.14 31.07
CA VAL C 87 -52.92 -3.49 31.59
C VAL C 87 -53.50 -4.37 30.50
N LEU C 88 -52.86 -5.51 30.27
CA LEU C 88 -53.25 -6.39 29.17
C LEU C 88 -53.49 -7.81 29.66
N GLU C 89 -54.34 -8.54 28.92
CA GLU C 89 -54.51 -9.97 29.10
C GLU C 89 -53.14 -10.64 28.94
N PHE C 90 -52.86 -11.65 29.75
CA PHE C 90 -51.60 -12.37 29.67
C PHE C 90 -51.80 -13.74 29.05
N VAL C 91 -51.02 -14.04 28.01
CA VAL C 91 -51.17 -15.31 27.31
C VAL C 91 -49.98 -16.25 27.56
N THR C 92 -50.31 -17.46 28.02
CA THR C 92 -49.32 -18.49 28.33
C THR C 92 -48.73 -19.08 27.05
N GLY C 93 -49.61 -19.29 26.06
CA GLY C 93 -49.28 -20.04 24.85
C GLY C 93 -48.12 -19.59 23.98
N GLY C 94 -47.47 -18.47 24.36
CA GLY C 94 -46.26 -18.01 23.68
C GLY C 94 -46.47 -17.39 22.30
N GLU C 95 -45.41 -17.36 21.50
CA GLU C 95 -45.47 -16.86 20.13
C GLU C 95 -45.81 -17.98 19.15
N LEU C 96 -46.58 -17.65 18.11
CA LEU C 96 -46.98 -18.63 17.11
C LEU C 96 -45.79 -19.16 16.32
N PHE C 97 -44.84 -18.27 16.03
CA PHE C 97 -43.66 -18.65 15.26
C PHE C 97 -42.73 -19.58 16.03
N ASP C 98 -42.92 -19.68 17.35
CA ASP C 98 -42.29 -20.74 18.12
C ASP C 98 -42.78 -22.09 17.59
N ARG C 99 -44.09 -22.17 17.32
CA ARG C 99 -44.66 -23.39 16.73
C ARG C 99 -44.05 -23.70 15.36
N ILE C 100 -43.92 -22.68 14.51
CA ILE C 100 -43.23 -22.83 13.22
C ILE C 100 -41.80 -23.33 13.42
N VAL C 101 -41.10 -22.71 14.38
CA VAL C 101 -39.71 -23.08 14.70
C VAL C 101 -39.57 -24.56 15.03
N HIS C 102 -40.47 -25.08 15.85
CA HIS C 102 -40.46 -26.49 16.24
C HIS C 102 -40.51 -27.43 15.05
N LYS C 103 -41.33 -27.10 14.06
CA LYS C 103 -41.57 -28.01 12.93
C LYS C 103 -41.45 -27.40 11.55
N GLY C 104 -40.75 -26.27 11.44
CA GLY C 104 -40.60 -25.59 10.15
C GLY C 104 -41.92 -25.07 9.62
N ARG C 105 -42.30 -25.53 8.42
CA ARG C 105 -43.51 -25.06 7.75
C ARG C 105 -44.81 -25.62 8.36
N LEU C 106 -45.88 -24.82 8.30
CA LEU C 106 -47.20 -25.26 8.75
C LEU C 106 -47.99 -25.95 7.65
N LYS C 107 -48.90 -26.82 8.07
CA LYS C 107 -49.86 -27.44 7.15
C LYS C 107 -50.86 -26.39 6.66
N GLU C 108 -51.45 -26.65 5.50
CA GLU C 108 -52.35 -25.69 4.87
C GLU C 108 -53.56 -25.36 5.74
N ASP C 109 -54.27 -26.39 6.16
CA ASP C 109 -55.52 -26.21 6.91
C ASP C 109 -55.28 -25.49 8.23
N GLU C 110 -54.24 -25.92 8.94
CA GLU C 110 -53.82 -25.29 10.18
C GLU C 110 -53.43 -23.85 9.87
N SER C 111 -52.66 -23.67 8.81
CA SER C 111 -52.23 -22.34 8.42
C SER C 111 -53.44 -21.48 8.08
N ARG C 112 -54.39 -22.03 7.33
CA ARG C 112 -55.58 -21.26 6.94
C ARG C 112 -56.40 -20.85 8.17
N LYS C 113 -56.56 -21.78 9.11
CA LYS C 113 -57.24 -21.48 10.36
C LYS C 113 -56.62 -20.25 11.03
N TYR C 114 -55.31 -20.29 11.22
CA TYR C 114 -54.61 -19.18 11.87
C TYR C 114 -54.74 -17.87 11.09
N PHE C 115 -54.58 -17.94 9.77
CA PHE C 115 -54.72 -16.75 8.93
C PHE C 115 -56.11 -16.15 9.07
N GLN C 116 -57.12 -17.02 9.09
CA GLN C 116 -58.52 -16.60 9.20
C GLN C 116 -58.72 -15.77 10.46
N GLN C 117 -58.29 -16.33 11.60
CA GLN C 117 -58.39 -15.64 12.88
C GLN C 117 -57.74 -14.26 12.79
N LEU C 118 -56.52 -14.22 12.25
CA LEU C 118 -55.75 -12.99 12.11
C LEU C 118 -56.50 -11.92 11.31
N VAL C 119 -56.98 -12.31 10.14
CA VAL C 119 -57.71 -11.38 9.29
C VAL C 119 -58.98 -10.89 10.00
N ASP C 120 -59.71 -11.81 10.63
CA ASP C 120 -60.91 -11.44 11.40
C ASP C 120 -60.59 -10.37 12.45
N ALA C 121 -59.54 -10.62 13.23
CA ALA C 121 -59.11 -9.69 14.27
C ALA C 121 -58.71 -8.32 13.70
N VAL C 122 -57.85 -8.33 12.68
CA VAL C 122 -57.46 -7.11 12.00
C VAL C 122 -58.71 -6.35 11.55
N ALA C 123 -59.62 -7.06 10.88
CA ALA C 123 -60.86 -6.48 10.38
C ALA C 123 -61.64 -5.79 11.48
N HIS C 124 -61.80 -6.46 12.62
CA HIS C 124 -62.52 -5.87 13.73
C HIS C 124 -61.84 -4.58 14.18
N CYS C 125 -60.52 -4.64 14.33
CA CYS C 125 -59.73 -3.47 14.71
C CYS C 125 -59.83 -2.37 13.66
N HIS C 126 -59.83 -2.78 12.40
CA HIS C 126 -59.93 -1.85 11.30
C HIS C 126 -61.28 -1.14 11.27
N SER C 127 -62.35 -1.89 11.53
CA SER C 127 -63.70 -1.32 11.59
C SER C 127 -63.78 -0.17 12.59
N LYS C 128 -63.02 -0.28 13.67
CA LYS C 128 -62.98 0.74 14.72
C LYS C 128 -62.09 1.93 14.40
N GLY C 129 -61.49 1.92 13.21
CA GLY C 129 -60.61 3.00 12.75
C GLY C 129 -59.18 2.92 13.26
N VAL C 130 -58.76 1.72 13.65
CA VAL C 130 -57.43 1.49 14.25
C VAL C 130 -56.58 0.59 13.37
N TYR C 131 -55.30 0.94 13.25
CA TYR C 131 -54.34 0.17 12.47
C TYR C 131 -53.11 -0.17 13.30
N HIS C 132 -52.52 -1.34 13.04
CA HIS C 132 -51.36 -1.82 13.76
C HIS C 132 -50.12 -1.04 13.34
N ARG C 133 -49.83 -1.11 12.03
CA ARG C 133 -48.70 -0.39 11.43
C ARG C 133 -47.36 -1.00 11.86
N ASP C 134 -47.42 -2.08 12.62
CA ASP C 134 -46.23 -2.71 13.20
C ASP C 134 -46.36 -4.23 13.27
N LEU C 135 -47.23 -4.80 12.44
CA LEU C 135 -47.45 -6.26 12.41
C LEU C 135 -46.15 -7.01 12.15
N LYS C 136 -45.82 -7.90 13.09
CA LYS C 136 -44.57 -8.65 13.09
C LYS C 136 -44.81 -9.96 13.84
N PRO C 137 -43.94 -10.97 13.66
CA PRO C 137 -44.24 -12.27 14.28
C PRO C 137 -44.43 -12.16 15.79
N GLU C 138 -43.62 -11.31 16.43
CA GLU C 138 -43.68 -11.09 17.88
C GLU C 138 -45.11 -10.92 18.36
N ASN C 139 -45.93 -10.26 17.54
CA ASN C 139 -47.31 -9.95 17.88
C ASN C 139 -48.23 -11.16 17.93
N LEU C 140 -47.98 -12.14 17.06
CA LEU C 140 -48.83 -13.31 16.97
C LEU C 140 -48.65 -14.21 18.20
N LEU C 141 -49.50 -14.00 19.19
CA LEU C 141 -49.46 -14.78 20.41
C LEU C 141 -50.45 -15.94 20.32
N LEU C 142 -50.27 -16.91 21.21
CA LEU C 142 -51.18 -18.05 21.32
C LEU C 142 -51.76 -18.12 22.73
N ASP C 143 -53.05 -18.47 22.83
CA ASP C 143 -53.71 -18.57 24.14
C ASP C 143 -53.49 -19.94 24.78
N THR C 144 -53.85 -20.05 26.05
CA THR C 144 -53.82 -21.32 26.79
C THR C 144 -54.56 -22.39 25.99
N ASN C 145 -55.71 -22.01 25.43
CA ASN C 145 -56.47 -22.92 24.60
C ASN C 145 -55.82 -23.19 23.24
N GLY C 146 -54.84 -22.36 22.85
CA GLY C 146 -54.12 -22.55 21.59
C GLY C 146 -54.57 -21.63 20.46
N ASN C 147 -55.54 -20.75 20.75
CA ASN C 147 -56.03 -19.80 19.76
C ASN C 147 -55.09 -18.60 19.56
N LEU C 148 -55.25 -17.94 18.41
CA LEU C 148 -54.47 -16.77 18.11
C LEU C 148 -55.02 -15.52 18.78
N LYS C 149 -54.12 -14.75 19.38
CA LYS C 149 -54.44 -13.46 19.97
C LYS C 149 -53.36 -12.52 19.48
N VAL C 150 -53.76 -11.39 18.92
CA VAL C 150 -52.81 -10.41 18.40
C VAL C 150 -52.65 -9.25 19.38
N SER C 151 -51.42 -8.74 19.48
CA SER C 151 -51.07 -7.74 20.48
C SER C 151 -50.50 -6.48 19.84
N ASP C 152 -50.39 -5.41 20.64
CA ASP C 152 -49.84 -4.14 20.18
C ASP C 152 -50.76 -3.39 19.21
N PHE C 153 -52.07 -3.57 19.37
CA PHE C 153 -53.05 -2.82 18.60
C PHE C 153 -53.37 -1.49 19.28
N GLY C 154 -53.08 -0.40 18.57
CA GLY C 154 -53.22 0.95 19.12
C GLY C 154 -51.99 1.43 19.86
N LEU C 155 -51.03 0.53 20.06
CA LEU C 155 -49.85 0.82 20.85
C LEU C 155 -48.67 1.29 19.99
N SER C 156 -48.81 1.13 18.68
CA SER C 156 -47.76 1.55 17.74
C SER C 156 -47.48 3.03 17.89
N ALA C 157 -48.56 3.80 18.08
CA ALA C 157 -48.46 5.24 18.32
C ALA C 157 -47.65 5.54 19.59
N LEU C 158 -47.61 4.57 20.51
CA LEU C 158 -46.80 4.71 21.72
C LEU C 158 -45.37 5.06 21.35
N PRO C 159 -44.79 6.06 22.03
CA PRO C 159 -43.54 6.65 21.55
C PRO C 159 -42.41 5.63 21.45
N GLN C 160 -41.79 5.60 20.26
CA GLN C 160 -40.55 4.85 20.00
C GLN C 160 -40.45 3.45 20.61
N GLU C 161 -41.52 2.68 20.50
CA GLU C 161 -41.51 1.28 20.93
C GLU C 161 -40.52 0.47 20.11
N LEU C 166 -28.53 0.17 19.08
CA LEU C 166 -27.30 0.52 19.78
C LEU C 166 -26.08 -0.07 19.07
N ASN C 167 -25.91 -1.39 19.18
CA ASN C 167 -24.86 -2.11 18.47
C ASN C 167 -25.44 -3.23 17.59
N ASP C 168 -26.04 -4.22 18.26
CA ASP C 168 -26.57 -5.41 17.59
C ASP C 168 -28.09 -5.36 17.49
N THR C 169 -28.57 -4.84 16.36
CA THR C 169 -29.99 -4.56 16.17
C THR C 169 -30.79 -5.74 15.61
N CYS C 170 -31.44 -6.47 16.52
CA CYS C 170 -32.35 -7.53 16.13
C CYS C 170 -33.66 -6.90 15.65
N GLY C 171 -34.36 -7.60 14.77
CA GLY C 171 -35.61 -7.10 14.19
C GLY C 171 -35.73 -7.44 12.72
N THR C 172 -36.97 -7.51 12.23
CA THR C 172 -37.25 -7.97 10.86
C THR C 172 -37.96 -6.91 10.01
N PRO C 173 -37.33 -6.49 8.89
CA PRO C 173 -37.91 -5.46 8.03
C PRO C 173 -38.72 -6.01 6.86
N ASN C 174 -38.74 -7.33 6.70
CA ASN C 174 -39.43 -7.97 5.57
C ASN C 174 -40.92 -7.62 5.55
N TYR C 175 -41.52 -7.58 6.74
CA TYR C 175 -42.95 -7.36 6.87
C TYR C 175 -43.40 -5.97 6.44
N VAL C 176 -42.50 -4.98 6.52
CA VAL C 176 -42.84 -3.59 6.25
C VAL C 176 -43.14 -3.31 4.76
N ALA C 177 -44.32 -2.78 4.50
CA ALA C 177 -44.78 -2.47 3.15
C ALA C 177 -43.89 -1.44 2.44
N PRO C 178 -43.68 -1.59 1.12
CA PRO C 178 -42.82 -0.65 0.42
C PRO C 178 -43.20 0.82 0.64
N GLU C 179 -44.50 1.12 0.63
CA GLU C 179 -44.97 2.50 0.75
C GLU C 179 -44.34 3.19 1.95
N VAL C 180 -44.18 2.44 3.05
CA VAL C 180 -43.47 2.93 4.21
C VAL C 180 -42.02 3.21 3.85
N LEU C 181 -41.41 2.29 3.10
CA LEU C 181 -40.01 2.43 2.71
C LEU C 181 -39.72 3.81 2.15
N SER C 182 -40.68 4.37 1.43
CA SER C 182 -40.61 5.74 0.93
C SER C 182 -40.40 6.74 2.07
N GLY C 183 -41.12 6.52 3.17
CA GLY C 183 -40.95 7.32 4.38
C GLY C 183 -42.02 8.38 4.59
N GLN C 184 -42.90 8.53 3.60
CA GLN C 184 -43.91 9.59 3.61
C GLN C 184 -45.22 9.13 4.26
N GLY C 185 -46.30 9.20 3.50
CA GLY C 185 -47.62 8.79 3.98
C GLY C 185 -48.02 7.42 3.48
N TYR C 186 -48.51 6.61 4.41
CA TYR C 186 -48.94 5.26 4.11
C TYR C 186 -50.35 5.08 4.65
N ASP C 187 -51.18 4.36 3.90
CA ASP C 187 -52.48 3.94 4.41
C ASP C 187 -52.24 2.96 5.55
N GLY C 188 -53.05 3.11 6.60
CA GLY C 188 -52.99 2.20 7.74
C GLY C 188 -53.47 0.82 7.35
N SER C 189 -54.65 0.75 6.74
CA SER C 189 -55.26 -0.51 6.34
C SER C 189 -54.40 -1.23 5.32
N ALA C 190 -54.02 -0.51 4.27
CA ALA C 190 -53.23 -1.08 3.18
C ALA C 190 -51.92 -1.69 3.66
N ALA C 191 -51.23 -1.00 4.58
CA ALA C 191 -49.96 -1.49 5.12
C ALA C 191 -50.12 -2.78 5.93
N ASP C 192 -51.13 -2.84 6.79
CA ASP C 192 -51.37 -3.98 7.67
C ASP C 192 -51.47 -5.31 6.94
N ILE C 193 -52.20 -5.33 5.83
CA ILE C 193 -52.43 -6.52 5.03
C ILE C 193 -51.14 -7.08 4.44
N TRP C 194 -50.33 -6.19 3.84
CA TRP C 194 -49.04 -6.58 3.27
C TRP C 194 -48.24 -7.33 4.31
N SER C 195 -48.16 -6.75 5.50
CA SER C 195 -47.54 -7.43 6.63
C SER C 195 -48.34 -8.67 6.94
N CYS C 196 -49.67 -8.55 6.83
CA CYS C 196 -50.56 -9.69 7.01
C CYS C 196 -50.23 -10.73 5.93
N GLY C 197 -49.96 -10.25 4.72
CA GLY C 197 -49.57 -11.12 3.61
C GLY C 197 -48.32 -11.91 3.91
N VAL C 198 -47.29 -11.22 4.40
CA VAL C 198 -45.99 -11.84 4.70
C VAL C 198 -46.14 -12.94 5.74
N ILE C 199 -46.93 -12.68 6.79
CA ILE C 199 -47.22 -13.66 7.83
C ILE C 199 -47.64 -14.99 7.20
N LEU C 200 -48.63 -14.93 6.31
CA LEU C 200 -49.15 -16.10 5.65
C LEU C 200 -48.07 -16.87 4.90
N PHE C 201 -47.26 -16.13 4.13
CA PHE C 201 -46.18 -16.73 3.32
C PHE C 201 -45.19 -17.49 4.19
N VAL C 202 -44.79 -16.86 5.30
CA VAL C 202 -43.88 -17.47 6.26
C VAL C 202 -44.52 -18.71 6.89
N ILE C 203 -45.80 -18.59 7.25
CA ILE C 203 -46.53 -19.69 7.88
C ILE C 203 -46.40 -21.00 7.07
N LEU C 204 -46.89 -20.98 5.84
CA LEU C 204 -46.83 -22.15 4.96
C LEU C 204 -45.42 -22.45 4.47
N ALA C 205 -44.67 -21.41 4.12
CA ALA C 205 -43.34 -21.59 3.55
C ALA C 205 -42.30 -22.00 4.58
N GLY C 206 -42.42 -21.50 5.80
CA GLY C 206 -41.45 -21.74 6.84
C GLY C 206 -40.22 -20.86 6.67
N TYR C 207 -40.36 -19.79 5.91
CA TYR C 207 -39.30 -18.78 5.75
C TYR C 207 -39.81 -17.45 5.19
N LEU C 208 -38.95 -16.45 5.19
CA LEU C 208 -39.31 -15.13 4.68
C LEU C 208 -39.26 -15.07 3.17
N PRO C 209 -40.25 -14.41 2.55
CA PRO C 209 -40.35 -14.32 1.10
C PRO C 209 -39.18 -13.59 0.52
N PHE C 210 -38.76 -12.52 1.20
CA PHE C 210 -37.66 -11.74 0.72
C PHE C 210 -36.50 -11.92 1.68
N SER C 211 -35.37 -12.37 1.16
CA SER C 211 -34.21 -12.71 1.99
C SER C 211 -33.68 -11.52 2.76
N GLU C 212 -33.37 -11.72 4.04
CA GLU C 212 -32.89 -10.66 4.92
C GLU C 212 -31.51 -10.08 4.58
N THR C 213 -30.56 -10.94 4.20
CA THR C 213 -29.17 -10.54 3.94
C THR C 213 -28.97 -9.77 2.62
N ASP C 214 -27.92 -8.94 2.56
CA ASP C 214 -27.72 -8.09 1.38
C ASP C 214 -28.98 -7.23 1.22
N LEU C 215 -29.28 -6.49 2.28
CA LEU C 215 -30.54 -5.77 2.43
C LEU C 215 -30.93 -4.88 1.24
N PRO C 216 -29.97 -4.12 0.66
CA PRO C 216 -30.39 -3.32 -0.49
C PRO C 216 -31.18 -4.17 -1.46
N GLY C 217 -30.76 -5.42 -1.60
CA GLY C 217 -31.43 -6.41 -2.42
C GLY C 217 -32.79 -6.79 -1.88
N LEU C 218 -32.88 -6.93 -0.56
CA LEU C 218 -34.17 -7.18 0.09
C LEU C 218 -35.13 -6.07 -0.30
N TYR C 219 -34.64 -4.85 -0.29
CA TYR C 219 -35.46 -3.69 -0.61
C TYR C 219 -35.91 -3.67 -2.07
N ARG C 220 -35.02 -3.99 -3.00
CA ARG C 220 -35.40 -4.12 -4.39
C ARG C 220 -36.55 -5.11 -4.48
N LYS C 221 -36.34 -6.28 -3.89
CA LYS C 221 -37.33 -7.35 -3.95
C LYS C 221 -38.69 -6.87 -3.43
N ILE C 222 -38.68 -6.20 -2.28
CA ILE C 222 -39.93 -5.70 -1.68
C ILE C 222 -40.65 -4.72 -2.61
N ASN C 223 -39.92 -3.75 -3.13
CA ASN C 223 -40.52 -2.80 -4.06
C ASN C 223 -41.07 -3.49 -5.29
N ALA C 224 -40.28 -4.39 -5.86
CA ALA C 224 -40.74 -5.19 -6.99
C ALA C 224 -41.84 -6.15 -6.55
N ALA C 225 -41.82 -6.53 -5.28
CA ALA C 225 -42.67 -7.59 -4.73
C ALA C 225 -42.32 -8.92 -5.42
N GLU C 226 -41.02 -9.16 -5.55
CA GLU C 226 -40.49 -10.33 -6.20
C GLU C 226 -40.14 -11.37 -5.15
N PHE C 227 -40.86 -12.49 -5.19
CA PHE C 227 -40.70 -13.59 -4.26
C PHE C 227 -40.65 -14.91 -5.02
N ASP C 228 -40.22 -15.96 -4.35
CA ASP C 228 -40.22 -17.29 -4.94
C ASP C 228 -41.21 -18.16 -4.18
N CYS C 229 -42.40 -18.32 -4.75
CA CYS C 229 -43.42 -19.21 -4.19
C CYS C 229 -42.90 -20.65 -4.18
N PRO C 230 -43.02 -21.34 -3.04
CA PRO C 230 -42.66 -22.76 -2.98
C PRO C 230 -43.65 -23.66 -3.72
N PRO C 231 -43.16 -24.81 -4.26
CA PRO C 231 -44.06 -25.68 -5.02
C PRO C 231 -45.22 -26.23 -4.20
N TRP C 232 -44.98 -26.57 -2.93
CA TRP C 232 -46.06 -27.14 -2.11
C TRP C 232 -47.22 -26.16 -1.91
N PHE C 233 -47.00 -24.90 -2.27
CA PHE C 233 -48.08 -23.90 -2.32
C PHE C 233 -49.10 -24.30 -3.37
N SER C 234 -50.39 -24.22 -3.02
CA SER C 234 -51.45 -24.46 -4.00
C SER C 234 -51.59 -23.21 -4.85
N ALA C 235 -52.20 -23.35 -6.02
CA ALA C 235 -52.32 -22.25 -6.98
C ALA C 235 -53.07 -21.04 -6.45
N GLU C 236 -54.21 -21.30 -5.79
CA GLU C 236 -55.06 -20.23 -5.28
C GLU C 236 -54.35 -19.42 -4.18
N VAL C 237 -53.65 -20.12 -3.29
CA VAL C 237 -52.85 -19.49 -2.24
C VAL C 237 -51.82 -18.53 -2.85
N LYS C 238 -51.10 -19.00 -3.87
CA LYS C 238 -50.11 -18.19 -4.57
C LYS C 238 -50.80 -16.94 -5.08
N PHE C 239 -51.93 -17.13 -5.74
CA PHE C 239 -52.68 -15.98 -6.26
C PHE C 239 -53.09 -15.00 -5.16
N LEU C 240 -53.68 -15.51 -4.08
CA LEU C 240 -54.12 -14.64 -2.99
C LEU C 240 -52.93 -13.86 -2.43
N ILE C 241 -51.81 -14.56 -2.22
CA ILE C 241 -50.57 -13.94 -1.75
C ILE C 241 -50.10 -12.84 -2.70
N HIS C 242 -50.08 -13.14 -3.99
CA HIS C 242 -49.64 -12.17 -5.00
C HIS C 242 -50.56 -10.96 -5.04
N ARG C 243 -51.85 -11.20 -4.85
CA ARG C 243 -52.85 -10.13 -4.77
C ARG C 243 -52.66 -9.29 -3.51
N ILE C 244 -52.37 -9.96 -2.40
CA ILE C 244 -52.13 -9.31 -1.12
C ILE C 244 -50.84 -8.50 -1.13
N LEU C 245 -49.79 -9.07 -1.70
CA LEU C 245 -48.48 -8.41 -1.77
C LEU C 245 -48.31 -7.62 -3.05
N ASP C 246 -49.33 -6.84 -3.39
CA ASP C 246 -49.19 -5.85 -4.43
C ASP C 246 -48.36 -4.83 -3.73
N PRO C 247 -47.28 -4.35 -4.39
CA PRO C 247 -46.47 -3.25 -3.89
C PRO C 247 -47.30 -1.98 -3.79
N ASN C 248 -48.27 -1.83 -4.70
CA ASN C 248 -49.07 -0.59 -4.72
C ASN C 248 -50.29 -0.58 -3.81
N PRO C 249 -50.36 0.39 -2.89
CA PRO C 249 -51.43 0.30 -1.92
C PRO C 249 -52.83 0.50 -2.51
N LYS C 250 -52.92 1.15 -3.65
CA LYS C 250 -54.22 1.42 -4.25
C LYS C 250 -54.72 0.22 -5.03
N THR C 251 -53.79 -0.59 -5.53
CA THR C 251 -54.16 -1.80 -6.27
C THR C 251 -54.16 -3.00 -5.34
N ARG C 252 -53.66 -2.81 -4.13
CA ARG C 252 -53.64 -3.85 -3.11
C ARG C 252 -55.05 -4.23 -2.68
N ILE C 253 -55.20 -5.47 -2.21
CA ILE C 253 -56.51 -6.01 -1.84
C ILE C 253 -57.09 -5.38 -0.58
N GLN C 254 -58.41 -5.31 -0.52
CA GLN C 254 -59.13 -4.91 0.68
C GLN C 254 -59.43 -6.13 1.54
N ILE C 255 -59.57 -5.90 2.84
CA ILE C 255 -59.96 -6.96 3.78
C ILE C 255 -61.21 -7.64 3.26
N GLN C 256 -62.17 -6.84 2.81
CA GLN C 256 -63.37 -7.35 2.15
C GLN C 256 -62.99 -8.29 1.02
N GLY C 257 -62.04 -7.84 0.19
CA GLY C 257 -61.53 -8.61 -0.93
C GLY C 257 -61.03 -9.99 -0.56
N ILE C 258 -60.19 -10.07 0.46
CA ILE C 258 -59.62 -11.36 0.88
C ILE C 258 -60.68 -12.24 1.56
N LYS C 259 -61.57 -11.62 2.34
CA LYS C 259 -62.68 -12.32 2.97
C LYS C 259 -63.52 -13.05 1.93
N LYS C 260 -63.49 -12.52 0.70
CA LYS C 260 -64.23 -13.12 -0.39
C LYS C 260 -63.32 -13.94 -1.31
N ASP C 261 -62.07 -14.11 -0.92
CA ASP C 261 -61.15 -14.97 -1.65
C ASP C 261 -61.49 -16.44 -1.37
N PRO C 262 -61.59 -17.24 -2.45
CA PRO C 262 -61.92 -18.67 -2.45
C PRO C 262 -61.09 -19.46 -1.46
N TRP C 263 -59.76 -19.38 -1.59
CA TRP C 263 -58.88 -20.15 -0.73
C TRP C 263 -59.02 -19.73 0.71
N PHE C 264 -59.24 -18.44 0.92
CA PHE C 264 -59.43 -17.92 2.26
C PHE C 264 -60.73 -18.46 2.82
N ARG C 265 -61.69 -18.66 1.93
CA ARG C 265 -63.06 -18.98 2.28
C ARG C 265 -63.25 -20.39 2.81
N LYS C 266 -62.45 -21.33 2.32
CA LYS C 266 -62.58 -22.73 2.69
C LYS C 266 -62.64 -22.92 4.20
N ASN C 267 -63.72 -23.55 4.65
CA ASN C 267 -63.98 -23.78 6.07
C ASN C 267 -64.01 -22.51 6.90
N TYR C 268 -64.44 -21.38 6.31
CA TYR C 268 -64.44 -20.11 7.05
C TYR C 268 -65.72 -19.87 7.85
N VAL C 269 -65.54 -19.47 9.10
CA VAL C 269 -66.65 -19.25 10.00
C VAL C 269 -66.43 -17.98 10.81
N PRO C 270 -67.20 -16.91 10.50
CA PRO C 270 -67.12 -15.54 11.01
C PRO C 270 -67.24 -15.40 12.53
N ILE C 271 -66.09 -15.29 13.20
CA ILE C 271 -66.01 -15.09 14.65
C ILE C 271 -66.70 -13.79 15.07
N ARG C 272 -67.48 -13.85 16.15
CA ARG C 272 -68.29 -12.72 16.61
C ARG C 272 -68.24 -12.50 18.12
N ALA C 273 -68.18 -11.24 18.53
CA ALA C 273 -68.27 -10.84 19.93
C ALA C 273 -68.95 -9.49 20.02
N ARG C 274 -69.55 -9.19 21.18
CA ARG C 274 -70.30 -7.94 21.37
C ARG C 274 -69.93 -7.18 22.64
N GLU C 275 -69.50 -5.94 22.46
CA GLU C 275 -69.07 -5.07 23.57
C GLU C 275 -69.76 -3.71 23.55
N GLU C 276 -69.53 -2.93 24.61
CA GLU C 276 -70.12 -1.61 24.77
C GLU C 276 -69.72 -0.66 23.64
N GLU C 277 -70.68 0.13 23.18
CA GLU C 277 -70.40 1.25 22.28
C GLU C 277 -69.31 2.12 22.89
N GLU C 278 -68.40 2.62 22.05
CA GLU C 278 -67.31 3.50 22.50
C GLU C 278 -67.83 4.50 23.55
N VAL C 279 -67.20 4.48 24.72
CA VAL C 279 -67.69 5.22 25.90
C VAL C 279 -67.26 6.68 25.87
N ASN C 280 -68.02 7.53 26.57
CA ASN C 280 -67.76 8.97 26.62
C ASN C 280 -66.30 9.34 26.46
N LEU C 281 -66.01 10.15 25.45
CA LEU C 281 -64.66 10.64 25.25
C LEU C 281 -64.15 11.24 26.55
N ASP C 282 -65.03 11.93 27.27
CA ASP C 282 -64.69 12.51 28.55
C ASP C 282 -63.74 11.54 29.24
N ASP C 283 -64.11 10.26 29.21
CA ASP C 283 -63.20 9.20 29.62
C ASP C 283 -61.89 9.30 28.84
N ILE C 284 -61.99 9.51 27.52
CA ILE C 284 -60.81 9.63 26.64
C ILE C 284 -59.87 10.76 27.07
N ARG C 285 -60.42 11.94 27.36
CA ARG C 285 -59.62 13.07 27.86
C ARG C 285 -59.04 12.72 29.23
N ALA C 286 -59.87 12.09 30.06
CA ALA C 286 -59.51 11.74 31.42
C ALA C 286 -58.68 10.47 31.49
N VAL C 287 -58.45 9.85 30.33
CA VAL C 287 -57.71 8.59 30.26
C VAL C 287 -56.36 8.67 31.01
N PHE C 288 -55.67 9.80 30.89
CA PHE C 288 -54.30 9.92 31.38
C PHE C 288 -54.06 10.84 32.59
N ASP C 289 -54.79 11.95 32.68
CA ASP C 289 -54.57 12.98 33.71
C ASP C 289 -53.08 13.27 33.96
N LYS D 10 45.96 41.60 -3.21
CA LYS D 10 46.74 42.40 -4.19
C LYS D 10 46.49 41.95 -5.63
N TYR D 11 46.37 40.63 -5.82
CA TYR D 11 46.21 40.03 -7.14
C TYR D 11 44.94 40.49 -7.84
N GLU D 12 45.05 40.78 -9.13
CA GLU D 12 43.89 41.08 -9.96
C GLU D 12 43.21 39.77 -10.32
N VAL D 13 42.28 39.37 -9.46
CA VAL D 13 41.59 38.09 -9.56
C VAL D 13 40.49 38.16 -10.61
N GLY D 14 40.28 37.05 -11.32
CA GLY D 14 39.12 36.88 -12.20
C GLY D 14 38.10 36.00 -11.52
N ARG D 15 37.50 35.10 -12.30
CA ARG D 15 36.51 34.10 -11.86
C ARG D 15 36.25 33.16 -13.05
N THR D 16 36.04 31.87 -12.82
CA THR D 16 36.26 31.16 -11.56
C THR D 16 36.86 29.82 -11.94
N THR D 21 33.02 22.43 -3.50
CA THR D 21 32.28 23.54 -2.91
C THR D 21 33.24 24.58 -2.31
N PHE D 22 34.43 24.13 -1.91
CA PHE D 22 35.41 25.00 -1.24
C PHE D 22 36.68 25.19 -2.07
N ALA D 23 36.63 24.80 -3.34
CA ALA D 23 37.79 24.89 -4.22
C ALA D 23 37.43 25.55 -5.54
N LYS D 24 37.05 26.82 -5.47
CA LYS D 24 36.79 27.61 -6.68
C LYS D 24 38.11 28.20 -7.16
N VAL D 25 38.76 27.50 -8.09
CA VAL D 25 40.07 27.90 -8.62
C VAL D 25 39.92 29.00 -9.66
N LYS D 26 39.62 30.21 -9.20
CA LYS D 26 39.54 31.37 -10.08
C LYS D 26 40.88 31.65 -10.73
N PHE D 27 40.83 32.24 -11.92
CA PHE D 27 42.01 32.72 -12.60
C PHE D 27 42.32 34.11 -12.05
N ALA D 28 43.58 34.51 -12.16
CA ALA D 28 43.99 35.83 -11.68
C ALA D 28 45.31 36.28 -12.29
N ARG D 29 45.69 37.51 -11.97
CA ARG D 29 47.01 38.02 -12.32
C ARG D 29 47.70 38.85 -11.24
N ASN D 30 48.99 38.59 -11.10
CA ASN D 30 49.88 39.41 -10.30
C ASN D 30 50.14 40.71 -11.02
N THR D 31 49.39 41.73 -10.64
CA THR D 31 49.44 43.04 -11.28
C THR D 31 50.86 43.57 -11.41
N ASP D 32 51.65 43.42 -10.36
CA ASP D 32 52.90 44.15 -10.26
C ASP D 32 54.01 43.57 -11.13
N THR D 33 53.89 42.30 -11.46
CA THR D 33 54.74 41.70 -12.47
C THR D 33 53.81 41.21 -13.58
N GLY D 34 52.59 41.72 -13.52
CA GLY D 34 51.60 41.54 -14.57
C GLY D 34 51.46 40.11 -15.03
N ASP D 35 51.67 39.17 -14.11
CA ASP D 35 51.54 37.75 -14.44
C ASP D 35 50.30 37.13 -13.79
N ASN D 36 49.59 36.32 -14.56
CA ASN D 36 48.35 35.72 -14.11
C ASN D 36 48.51 34.25 -13.74
N VAL D 37 48.16 33.93 -12.51
CA VAL D 37 48.38 32.62 -11.96
C VAL D 37 47.12 32.14 -11.22
N ALA D 38 46.72 30.91 -11.48
CA ALA D 38 45.49 30.35 -10.90
C ALA D 38 45.52 30.32 -9.38
N ILE D 39 44.39 30.69 -8.77
CA ILE D 39 44.27 30.74 -7.31
C ILE D 39 43.22 29.77 -6.79
N LYS D 40 43.65 28.78 -6.01
CA LYS D 40 42.72 27.86 -5.36
C LYS D 40 42.25 28.48 -4.04
N ILE D 41 40.95 28.75 -3.94
CA ILE D 41 40.41 29.46 -2.78
C ILE D 41 39.58 28.55 -1.90
N MET D 42 39.68 28.78 -0.59
CA MET D 42 39.11 27.88 0.40
C MET D 42 38.73 28.61 1.68
N ALA D 43 37.65 28.14 2.31
CA ALA D 43 37.21 28.66 3.59
C ALA D 43 38.34 28.50 4.60
N LYS D 44 38.72 29.62 5.21
CA LYS D 44 39.78 29.66 6.21
C LYS D 44 39.47 28.72 7.37
N SER D 45 38.22 28.74 7.82
CA SER D 45 37.76 27.98 8.98
C SER D 45 37.94 26.46 8.82
N THR D 46 37.41 25.92 7.73
CA THR D 46 37.34 24.46 7.47
C THR D 46 38.66 23.73 7.64
N ILE D 47 39.74 24.41 7.29
CA ILE D 47 41.04 23.78 7.19
C ILE D 47 41.67 23.85 8.57
N LEU D 48 41.78 25.07 9.10
CA LEU D 48 42.33 25.34 10.42
C LEU D 48 41.78 24.47 11.54
N LYS D 49 40.57 23.98 11.36
CA LYS D 49 40.08 22.92 12.22
C LYS D 49 40.08 21.72 11.30
N ASN D 50 40.94 20.76 11.63
CA ASN D 50 41.16 19.57 10.82
C ASN D 50 42.23 18.70 11.48
N ARG D 51 42.01 17.40 11.49
CA ARG D 51 43.00 16.47 12.03
C ARG D 51 44.36 16.67 11.36
N MET D 52 44.33 16.92 10.06
CA MET D 52 45.56 17.05 9.27
C MET D 52 46.11 18.46 9.20
N VAL D 53 45.44 19.42 9.84
CA VAL D 53 45.82 20.84 9.73
C VAL D 53 47.32 21.09 9.79
N ASP D 54 47.98 20.49 10.78
CA ASP D 54 49.42 20.64 10.93
C ASP D 54 50.17 20.05 9.75
N GLN D 55 49.78 18.85 9.33
CA GLN D 55 50.36 18.26 8.13
C GLN D 55 50.10 19.15 6.91
N ILE D 56 48.87 19.69 6.81
CA ILE D 56 48.53 20.60 5.72
C ILE D 56 49.54 21.75 5.69
N LYS D 57 49.71 22.41 6.84
CA LYS D 57 50.65 23.53 6.96
C LYS D 57 52.02 23.09 6.47
N ARG D 58 52.52 22.00 7.03
CA ARG D 58 53.84 21.48 6.68
C ARG D 58 53.94 21.20 5.18
N GLU D 59 53.02 20.42 4.65
CA GLU D 59 53.01 20.07 3.23
C GLU D 59 52.93 21.33 2.35
N ILE D 60 52.08 22.27 2.73
CA ILE D 60 51.93 23.51 2.01
C ILE D 60 53.25 24.24 2.00
N SER D 61 53.84 24.39 3.17
CA SER D 61 55.11 25.09 3.33
C SER D 61 56.24 24.45 2.54
N ILE D 62 56.38 23.12 2.62
CA ILE D 62 57.43 22.38 1.94
C ILE D 62 57.40 22.61 0.43
N MET D 63 56.21 22.43 -0.15
CA MET D 63 56.00 22.63 -1.57
C MET D 63 56.26 24.08 -1.94
N LYS D 64 55.75 24.99 -1.11
CA LYS D 64 55.84 26.43 -1.36
C LYS D 64 57.27 26.81 -1.69
N ILE D 65 58.18 26.02 -1.15
CA ILE D 65 59.60 26.23 -1.36
C ILE D 65 60.13 25.24 -2.39
N VAL D 66 59.31 24.26 -2.77
CA VAL D 66 59.71 23.31 -3.82
C VAL D 66 59.89 24.02 -5.17
N ARG D 67 60.97 23.68 -5.86
CA ARG D 67 61.19 24.18 -7.21
C ARG D 67 61.79 23.09 -8.12
N HIS D 68 60.93 22.60 -9.01
CA HIS D 68 61.27 21.48 -9.88
C HIS D 68 60.51 21.66 -11.19
N PRO D 69 61.21 21.44 -12.33
CA PRO D 69 60.72 21.58 -13.71
C PRO D 69 59.46 20.78 -14.01
N ASN D 70 59.18 19.78 -13.19
CA ASN D 70 58.05 18.93 -13.49
C ASN D 70 56.94 19.12 -12.48
N ILE D 71 57.22 19.93 -11.47
CA ILE D 71 56.22 20.17 -10.47
C ILE D 71 55.65 21.57 -10.58
N VAL D 72 54.33 21.63 -10.70
CA VAL D 72 53.61 22.89 -10.67
C VAL D 72 53.82 23.55 -9.31
N ARG D 73 54.23 24.82 -9.33
CA ARG D 73 54.59 25.52 -8.10
C ARG D 73 53.44 26.34 -7.51
N LEU D 74 53.49 26.55 -6.20
CA LEU D 74 52.64 27.55 -5.55
C LEU D 74 53.49 28.74 -5.11
N TYR D 75 53.29 29.86 -5.81
CA TYR D 75 54.10 31.04 -5.62
C TYR D 75 53.99 31.61 -4.22
N GLU D 76 52.77 31.63 -3.68
CA GLU D 76 52.51 32.27 -2.40
C GLU D 76 51.19 31.80 -1.81
N VAL D 77 51.05 31.93 -0.49
CA VAL D 77 49.78 31.68 0.19
C VAL D 77 49.30 33.01 0.77
N LEU D 78 48.06 33.35 0.47
CA LEU D 78 47.47 34.56 1.02
C LEU D 78 46.39 34.25 2.04
N ALA D 79 46.28 35.14 3.03
CA ALA D 79 45.41 34.94 4.18
C ALA D 79 44.25 35.93 4.22
N SER D 80 43.08 35.45 4.65
CA SER D 80 41.92 36.29 4.90
C SER D 80 41.29 35.91 6.23
N LYS D 81 40.36 36.73 6.70
CA LYS D 81 39.61 36.44 7.93
C LYS D 81 38.85 35.13 7.83
N SER D 82 38.29 34.86 6.65
CA SER D 82 37.41 33.72 6.44
C SER D 82 37.99 32.73 5.43
N LYS D 83 38.92 33.21 4.60
CA LYS D 83 39.39 32.44 3.45
C LYS D 83 40.92 32.38 3.37
N ILE D 84 41.41 31.30 2.78
CA ILE D 84 42.83 31.14 2.48
C ILE D 84 43.00 31.04 0.96
N TYR D 85 43.92 31.84 0.43
CA TYR D 85 44.23 31.84 -0.99
C TYR D 85 45.59 31.22 -1.23
N ILE D 86 45.58 30.17 -2.06
CA ILE D 86 46.80 29.48 -2.50
C ILE D 86 47.05 29.89 -3.95
N VAL D 87 48.26 30.37 -4.23
CA VAL D 87 48.65 30.91 -5.53
C VAL D 87 49.48 29.86 -6.29
N LEU D 88 48.95 29.39 -7.41
CA LEU D 88 49.59 28.26 -8.07
C LEU D 88 49.84 28.58 -9.52
N GLU D 89 50.95 28.08 -10.05
CA GLU D 89 51.34 28.35 -11.42
C GLU D 89 50.29 27.85 -12.38
N PHE D 90 50.12 28.62 -13.46
CA PHE D 90 49.15 28.33 -14.50
C PHE D 90 49.86 27.65 -15.66
N VAL D 91 49.41 26.45 -16.01
CA VAL D 91 50.03 25.74 -17.11
C VAL D 91 49.04 25.69 -18.26
N THR D 92 49.45 26.25 -19.40
CA THR D 92 48.56 26.35 -20.54
C THR D 92 48.48 25.02 -21.28
N GLY D 93 49.63 24.36 -21.41
CA GLY D 93 49.70 23.14 -22.23
C GLY D 93 48.58 22.14 -22.04
N GLY D 94 47.66 22.42 -21.13
CA GLY D 94 46.49 21.58 -20.89
C GLY D 94 46.82 20.30 -20.15
N GLU D 95 45.92 19.32 -20.26
CA GLU D 95 46.15 17.99 -19.70
C GLU D 95 46.86 17.12 -20.73
N LEU D 96 47.80 16.30 -20.25
CA LEU D 96 48.55 15.42 -21.13
C LEU D 96 47.65 14.40 -21.82
N PHE D 97 46.64 13.94 -21.09
CA PHE D 97 45.70 12.96 -21.62
C PHE D 97 44.79 13.53 -22.72
N ASP D 98 44.70 14.86 -22.80
CA ASP D 98 44.09 15.48 -23.96
C ASP D 98 44.93 15.11 -25.19
N ARG D 99 46.25 15.14 -25.03
CA ARG D 99 47.16 14.73 -26.11
C ARG D 99 46.92 13.27 -26.51
N ILE D 100 46.77 12.40 -25.51
CA ILE D 100 46.42 10.99 -25.73
C ILE D 100 45.10 10.89 -26.53
N VAL D 101 44.09 11.64 -26.13
CA VAL D 101 42.78 11.54 -26.77
C VAL D 101 42.86 11.90 -28.26
N HIS D 102 43.63 12.94 -28.58
CA HIS D 102 43.84 13.31 -29.98
C HIS D 102 44.40 12.13 -30.76
N LYS D 103 45.19 11.28 -30.11
CA LYS D 103 45.96 10.24 -30.78
C LYS D 103 45.60 8.80 -30.40
N GLY D 104 44.80 8.65 -29.34
CA GLY D 104 44.57 7.34 -28.74
C GLY D 104 45.71 7.00 -27.80
N ARG D 105 46.52 6.01 -28.14
CA ARG D 105 47.71 5.73 -27.34
C ARG D 105 48.88 6.59 -27.83
N LEU D 106 49.96 6.64 -27.05
CA LEU D 106 51.18 7.33 -27.48
C LEU D 106 52.33 6.35 -27.73
N LYS D 107 53.39 6.85 -28.36
CA LYS D 107 54.57 6.06 -28.70
C LYS D 107 55.40 5.66 -27.48
N GLU D 108 56.19 4.59 -27.63
CA GLU D 108 57.08 4.12 -26.58
C GLU D 108 58.02 5.23 -26.12
N ASP D 109 58.68 5.88 -27.08
CA ASP D 109 59.71 6.90 -26.80
C ASP D 109 59.15 8.12 -26.07
N GLU D 110 58.07 8.69 -26.64
CA GLU D 110 57.37 9.83 -26.07
C GLU D 110 56.89 9.46 -24.68
N SER D 111 56.28 8.28 -24.57
CA SER D 111 55.76 7.80 -23.31
C SER D 111 56.87 7.73 -22.27
N ARG D 112 58.01 7.17 -22.65
CA ARG D 112 59.13 7.01 -21.71
C ARG D 112 59.66 8.35 -21.23
N LYS D 113 59.82 9.29 -22.17
CA LYS D 113 60.20 10.66 -21.83
C LYS D 113 59.27 11.20 -20.74
N TYR D 114 57.97 11.14 -20.99
CA TYR D 114 56.97 11.61 -20.05
C TYR D 114 57.01 10.86 -18.72
N PHE D 115 57.07 9.54 -18.76
CA PHE D 115 57.08 8.73 -17.53
C PHE D 115 58.29 9.08 -16.67
N GLN D 116 59.46 9.21 -17.31
CA GLN D 116 60.67 9.60 -16.62
C GLN D 116 60.47 10.90 -15.83
N GLN D 117 59.90 11.90 -16.51
CA GLN D 117 59.61 13.20 -15.90
C GLN D 117 58.77 13.03 -14.64
N LEU D 118 57.65 12.32 -14.77
CA LEU D 118 56.72 12.04 -13.67
C LEU D 118 57.44 11.40 -12.49
N VAL D 119 58.19 10.34 -12.77
CA VAL D 119 58.93 9.61 -11.73
C VAL D 119 59.91 10.54 -11.02
N ASP D 120 60.69 11.32 -11.78
CA ASP D 120 61.63 12.26 -11.19
C ASP D 120 60.94 13.25 -10.26
N ALA D 121 59.85 13.86 -10.75
CA ALA D 121 59.09 14.81 -9.93
C ALA D 121 58.55 14.14 -8.66
N VAL D 122 57.99 12.94 -8.82
CA VAL D 122 57.45 12.19 -7.68
C VAL D 122 58.56 11.87 -6.67
N ALA D 123 59.71 11.45 -7.18
CA ALA D 123 60.87 11.18 -6.33
C ALA D 123 61.24 12.41 -5.50
N HIS D 124 61.30 13.57 -6.16
CA HIS D 124 61.60 14.84 -5.51
C HIS D 124 60.63 15.10 -4.36
N CYS D 125 59.34 14.98 -4.65
CA CYS D 125 58.29 15.19 -3.64
C CYS D 125 58.37 14.17 -2.50
N HIS D 126 58.60 12.92 -2.87
CA HIS D 126 58.74 11.84 -1.90
C HIS D 126 59.92 12.08 -0.96
N SER D 127 61.03 12.56 -1.53
CA SER D 127 62.26 12.84 -0.76
C SER D 127 62.00 13.81 0.38
N LYS D 128 61.13 14.79 0.14
CA LYS D 128 60.81 15.81 1.13
C LYS D 128 59.68 15.36 2.07
N GLY D 129 59.37 14.06 2.03
CA GLY D 129 58.41 13.46 2.94
C GLY D 129 56.95 13.63 2.57
N VAL D 130 56.70 14.11 1.36
CA VAL D 130 55.34 14.40 0.91
C VAL D 130 54.83 13.33 -0.07
N TYR D 131 53.54 13.01 0.07
CA TYR D 131 52.90 12.01 -0.79
C TYR D 131 51.62 12.58 -1.39
N HIS D 132 51.28 12.12 -2.59
CA HIS D 132 50.15 12.69 -3.31
C HIS D 132 48.82 12.16 -2.84
N ARG D 133 48.61 10.85 -3.01
CA ARG D 133 47.45 10.11 -2.50
C ARG D 133 46.18 10.21 -3.36
N ASP D 134 46.24 11.03 -4.40
CA ASP D 134 45.15 11.12 -5.38
C ASP D 134 45.75 11.39 -6.76
N LEU D 135 46.80 10.63 -7.08
CA LEU D 135 47.52 10.81 -8.33
C LEU D 135 46.69 10.26 -9.46
N LYS D 136 46.34 11.14 -10.39
CA LYS D 136 45.43 10.87 -11.48
C LYS D 136 45.78 11.83 -12.62
N PRO D 137 45.14 11.67 -13.80
CA PRO D 137 45.50 12.43 -15.00
C PRO D 137 45.10 13.90 -14.92
N GLU D 138 44.07 14.20 -14.14
CA GLU D 138 43.65 15.57 -13.87
C GLU D 138 44.87 16.34 -13.38
N ASN D 139 45.67 15.66 -12.57
CA ASN D 139 46.88 16.23 -11.99
C ASN D 139 48.00 16.40 -13.03
N LEU D 140 48.07 15.47 -13.96
CA LEU D 140 49.03 15.56 -15.05
C LEU D 140 48.70 16.76 -15.92
N LEU D 141 49.68 17.62 -16.12
CA LEU D 141 49.50 18.85 -16.88
C LEU D 141 50.72 19.15 -17.74
N LEU D 142 50.55 20.00 -18.74
CA LEU D 142 51.65 20.35 -19.64
C LEU D 142 51.93 21.85 -19.71
N ASP D 143 53.20 22.21 -19.55
CA ASP D 143 53.64 23.58 -19.73
C ASP D 143 53.77 23.88 -21.23
N THR D 144 53.72 25.18 -21.56
CA THR D 144 53.71 25.64 -22.95
C THR D 144 54.77 25.00 -23.83
N ASN D 145 56.00 24.94 -23.32
CA ASN D 145 57.10 24.27 -24.02
C ASN D 145 56.84 22.77 -24.18
N GLY D 146 55.90 22.26 -23.38
CA GLY D 146 55.43 20.88 -23.52
C GLY D 146 55.83 19.90 -22.43
N ASN D 147 56.57 20.38 -21.42
CA ASN D 147 57.03 19.54 -20.32
C ASN D 147 55.91 19.21 -19.33
N LEU D 148 56.03 18.06 -18.68
CA LEU D 148 55.02 17.63 -17.72
C LEU D 148 55.16 18.37 -16.40
N LYS D 149 54.07 19.00 -15.96
CA LYS D 149 53.99 19.54 -14.61
C LYS D 149 52.93 18.75 -13.85
N VAL D 150 53.34 18.14 -12.75
CA VAL D 150 52.41 17.43 -11.87
C VAL D 150 51.77 18.44 -10.91
N SER D 151 50.50 18.21 -10.57
CA SER D 151 49.73 19.17 -9.80
C SER D 151 49.01 18.56 -8.60
N ASP D 152 48.48 19.43 -7.74
CA ASP D 152 47.79 19.02 -6.53
C ASP D 152 48.71 18.17 -5.66
N PHE D 153 49.92 18.65 -5.43
CA PHE D 153 50.88 17.90 -4.65
C PHE D 153 50.99 18.54 -3.28
N GLY D 154 50.67 17.76 -2.25
CA GLY D 154 50.56 18.31 -0.91
C GLY D 154 49.24 19.05 -0.77
N LEU D 155 48.40 18.96 -1.80
CA LEU D 155 47.07 19.54 -1.77
C LEU D 155 45.98 18.51 -1.46
N SER D 156 46.35 17.24 -1.44
CA SER D 156 45.37 16.17 -1.23
C SER D 156 44.70 16.30 0.12
N ALA D 157 45.49 16.65 1.12
CA ALA D 157 45.02 16.81 2.48
C ALA D 157 43.97 17.92 2.57
N LEU D 158 44.04 18.86 1.63
CA LEU D 158 43.07 19.95 1.55
C LEU D 158 41.66 19.41 1.72
N PRO D 159 40.94 19.96 2.71
CA PRO D 159 39.69 19.36 3.16
C PRO D 159 38.79 18.91 2.02
N GLN D 160 38.30 17.68 2.12
CA GLN D 160 37.36 17.10 1.14
C GLN D 160 37.73 17.45 -0.30
N LEU D 166 26.02 16.42 -8.47
CA LEU D 166 25.22 15.46 -7.73
C LEU D 166 24.72 14.37 -8.66
N ASN D 167 23.89 14.77 -9.62
CA ASN D 167 23.35 13.87 -10.63
C ASN D 167 24.47 13.21 -11.45
N ASP D 168 25.53 13.98 -11.71
CA ASP D 168 26.72 13.46 -12.39
C ASP D 168 27.91 13.43 -11.45
N THR D 169 28.50 12.23 -11.32
CA THR D 169 29.78 12.05 -10.66
C THR D 169 30.74 11.42 -11.66
N CYS D 170 31.91 12.03 -11.83
CA CYS D 170 32.91 11.53 -12.77
C CYS D 170 34.18 11.06 -12.04
N GLY D 171 34.80 10.02 -12.59
CA GLY D 171 35.91 9.32 -11.93
C GLY D 171 37.28 9.97 -12.05
N THR D 172 38.33 9.16 -12.02
CA THR D 172 38.19 7.70 -11.95
C THR D 172 39.00 7.10 -10.79
N PRO D 173 38.39 6.18 -10.03
CA PRO D 173 39.06 5.47 -8.94
C PRO D 173 39.88 4.25 -9.38
N ASN D 174 40.01 4.05 -10.70
CA ASN D 174 40.78 2.94 -11.27
C ASN D 174 42.18 2.78 -10.69
N TYR D 175 42.87 3.91 -10.54
CA TYR D 175 44.24 3.96 -10.01
C TYR D 175 44.28 3.62 -8.53
N VAL D 176 43.27 4.05 -7.78
CA VAL D 176 43.23 3.82 -6.35
C VAL D 176 43.80 2.43 -6.07
N ALA D 177 44.96 2.43 -5.44
CA ALA D 177 45.66 1.24 -5.00
C ALA D 177 44.83 0.35 -4.08
N PRO D 178 45.02 -0.99 -4.16
CA PRO D 178 44.21 -1.90 -3.35
C PRO D 178 44.20 -1.52 -1.88
N GLU D 179 45.36 -1.15 -1.34
CA GLU D 179 45.49 -0.86 0.09
C GLU D 179 44.48 0.19 0.51
N VAL D 180 44.28 1.18 -0.35
CA VAL D 180 43.28 2.21 -0.11
C VAL D 180 41.90 1.57 -0.06
N LEU D 181 41.68 0.61 -0.96
CA LEU D 181 40.40 -0.09 -1.02
C LEU D 181 40.02 -0.64 0.34
N SER D 182 41.02 -1.13 1.09
CA SER D 182 40.79 -1.67 2.42
C SER D 182 40.09 -0.67 3.32
N GLY D 183 40.40 0.61 3.14
CA GLY D 183 39.83 1.69 3.96
C GLY D 183 40.59 1.96 5.24
N GLN D 184 41.81 1.45 5.31
CA GLN D 184 42.64 1.61 6.50
C GLN D 184 43.85 2.50 6.23
N GLY D 185 45.04 2.06 6.65
CA GLY D 185 46.27 2.81 6.45
C GLY D 185 47.11 2.27 5.31
N TYR D 186 47.71 3.18 4.55
CA TYR D 186 48.54 2.81 3.42
C TYR D 186 49.87 3.57 3.43
N ASP D 187 50.92 2.92 2.96
CA ASP D 187 52.18 3.60 2.69
C ASP D 187 51.93 4.54 1.52
N GLY D 188 52.15 5.83 1.75
CA GLY D 188 51.91 6.86 0.74
C GLY D 188 52.68 6.62 -0.56
N SER D 189 53.96 6.30 -0.41
CA SER D 189 54.84 6.09 -1.55
C SER D 189 54.36 4.92 -2.41
N ALA D 190 54.03 3.80 -1.77
CA ALA D 190 53.52 2.63 -2.45
C ALA D 190 52.28 2.97 -3.25
N ALA D 191 51.40 3.76 -2.64
CA ALA D 191 50.16 4.20 -3.29
C ALA D 191 50.43 5.08 -4.52
N ASP D 192 51.34 6.04 -4.36
CA ASP D 192 51.67 6.95 -5.46
C ASP D 192 52.27 6.21 -6.65
N ILE D 193 53.16 5.26 -6.37
CA ILE D 193 53.80 4.46 -7.43
C ILE D 193 52.77 3.61 -8.18
N TRP D 194 51.84 3.00 -7.45
CA TRP D 194 50.77 2.19 -8.04
C TRP D 194 50.04 3.00 -9.12
N SER D 195 49.63 4.21 -8.74
CA SER D 195 48.94 5.12 -9.65
C SER D 195 49.86 5.44 -10.81
N CYS D 196 51.13 5.67 -10.50
CA CYS D 196 52.14 5.92 -11.54
C CYS D 196 52.18 4.77 -12.54
N GLY D 197 52.02 3.55 -12.04
CA GLY D 197 51.94 2.37 -12.90
C GLY D 197 50.78 2.45 -13.87
N VAL D 198 49.62 2.84 -13.36
CA VAL D 198 48.40 2.96 -14.17
C VAL D 198 48.58 4.03 -15.24
N ILE D 199 49.06 5.21 -14.84
CA ILE D 199 49.28 6.31 -15.78
C ILE D 199 50.13 5.82 -16.95
N LEU D 200 51.24 5.15 -16.63
CA LEU D 200 52.12 4.56 -17.64
C LEU D 200 51.33 3.65 -18.55
N PHE D 201 50.47 2.82 -17.95
CA PHE D 201 49.64 1.87 -18.69
C PHE D 201 48.70 2.58 -19.67
N VAL D 202 48.02 3.62 -19.22
CA VAL D 202 47.07 4.36 -20.07
C VAL D 202 47.76 5.04 -21.25
N ILE D 203 48.89 5.68 -20.99
CA ILE D 203 49.64 6.37 -22.04
C ILE D 203 49.97 5.43 -23.21
N LEU D 204 50.50 4.25 -22.89
CA LEU D 204 50.90 3.28 -23.90
C LEU D 204 49.72 2.62 -24.62
N ALA D 205 48.65 2.39 -23.87
CA ALA D 205 47.57 1.49 -24.29
C ALA D 205 46.30 2.22 -24.71
N GLY D 206 46.16 3.46 -24.26
CA GLY D 206 44.99 4.26 -24.59
C GLY D 206 43.71 3.75 -23.97
N TYR D 207 43.81 3.15 -22.77
CA TYR D 207 42.66 2.87 -21.92
C TYR D 207 43.08 2.54 -20.49
N LEU D 208 42.10 2.23 -19.65
CA LEU D 208 42.39 1.81 -18.28
C LEU D 208 42.59 0.30 -18.24
N PRO D 209 43.61 -0.15 -17.49
CA PRO D 209 43.98 -1.56 -17.37
C PRO D 209 42.81 -2.38 -16.82
N PHE D 210 42.03 -1.77 -15.95
CA PHE D 210 40.84 -2.41 -15.44
C PHE D 210 39.63 -1.59 -15.90
N SER D 211 38.76 -2.20 -16.69
CA SER D 211 37.60 -1.52 -17.26
C SER D 211 36.57 -1.15 -16.19
N GLU D 212 36.12 0.11 -16.24
CA GLU D 212 35.30 0.73 -15.21
C GLU D 212 33.87 0.19 -15.06
N THR D 213 33.21 -0.05 -16.19
CA THR D 213 31.76 -0.33 -16.23
C THR D 213 31.22 -1.25 -15.13
N ASP D 214 31.88 -2.39 -14.93
CA ASP D 214 31.55 -3.29 -13.83
C ASP D 214 32.41 -2.95 -12.61
N LEU D 215 31.82 -2.22 -11.68
CA LEU D 215 32.56 -1.79 -10.49
C LEU D 215 32.99 -2.91 -9.54
N PRO D 216 32.08 -3.83 -9.17
CA PRO D 216 32.53 -4.90 -8.28
C PRO D 216 33.66 -5.70 -8.90
N GLY D 217 33.51 -6.02 -10.19
CA GLY D 217 34.53 -6.72 -10.96
C GLY D 217 35.82 -5.93 -11.09
N LEU D 218 35.70 -4.61 -11.25
CA LEU D 218 36.86 -3.73 -11.30
C LEU D 218 37.68 -3.91 -10.03
N TYR D 219 37.00 -3.89 -8.88
CA TYR D 219 37.65 -4.08 -7.58
C TYR D 219 38.32 -5.44 -7.46
N ARG D 220 37.65 -6.48 -7.92
CA ARG D 220 38.23 -7.82 -7.91
C ARG D 220 39.51 -7.81 -8.74
N LYS D 221 39.43 -7.23 -9.94
CA LYS D 221 40.57 -7.13 -10.84
C LYS D 221 41.74 -6.38 -10.19
N ILE D 222 41.44 -5.22 -9.60
CA ILE D 222 42.46 -4.43 -8.90
C ILE D 222 43.13 -5.26 -7.80
N ASN D 223 42.32 -5.95 -7.00
CA ASN D 223 42.84 -6.78 -5.91
C ASN D 223 43.73 -7.91 -6.42
N ALA D 224 43.34 -8.53 -7.53
CA ALA D 224 44.12 -9.63 -8.10
C ALA D 224 45.27 -9.12 -8.95
N ALA D 225 45.22 -7.84 -9.33
CA ALA D 225 46.13 -7.23 -10.30
C ALA D 225 46.08 -7.97 -11.64
N GLU D 226 44.85 -8.29 -12.07
CA GLU D 226 44.62 -9.02 -13.31
C GLU D 226 44.12 -8.05 -14.37
N PHE D 227 44.92 -7.91 -15.42
CA PHE D 227 44.68 -6.90 -16.44
C PHE D 227 44.94 -7.47 -17.83
N ASP D 228 44.39 -6.82 -18.85
CA ASP D 228 44.67 -7.16 -20.23
C ASP D 228 45.77 -6.25 -20.76
N CYS D 229 46.98 -6.80 -20.86
CA CYS D 229 48.08 -6.10 -21.51
C CYS D 229 47.79 -6.03 -23.01
N PRO D 230 48.20 -4.93 -23.66
CA PRO D 230 48.13 -4.89 -25.12
C PRO D 230 49.27 -5.71 -25.72
N PRO D 231 49.12 -6.16 -26.98
CA PRO D 231 50.21 -6.91 -27.59
C PRO D 231 51.44 -6.03 -27.81
N TRP D 232 51.22 -4.77 -28.19
CA TRP D 232 52.31 -3.86 -28.57
C TRP D 232 53.30 -3.52 -27.47
N PHE D 233 52.85 -3.63 -26.21
CA PHE D 233 53.75 -3.52 -25.06
C PHE D 233 54.88 -4.53 -25.24
N SER D 234 56.11 -4.04 -25.15
CA SER D 234 57.30 -4.88 -25.12
C SER D 234 57.35 -5.57 -23.77
N ALA D 235 58.08 -6.68 -23.72
CA ALA D 235 58.13 -7.53 -22.53
C ALA D 235 58.60 -6.79 -21.29
N GLU D 236 59.64 -5.98 -21.44
CA GLU D 236 60.13 -5.25 -20.31
C GLU D 236 58.98 -4.41 -19.75
N VAL D 237 58.50 -3.47 -20.55
CA VAL D 237 57.41 -2.59 -20.11
C VAL D 237 56.41 -3.39 -19.28
N LYS D 238 56.03 -4.56 -19.79
CA LYS D 238 55.10 -5.43 -19.10
C LYS D 238 55.64 -5.76 -17.72
N PHE D 239 56.91 -6.19 -17.69
CA PHE D 239 57.55 -6.54 -16.42
C PHE D 239 57.54 -5.38 -15.43
N LEU D 240 57.95 -4.20 -15.90
CA LEU D 240 57.97 -3.01 -15.06
C LEU D 240 56.59 -2.75 -14.49
N ILE D 241 55.59 -2.84 -15.36
CA ILE D 241 54.20 -2.62 -14.96
C ILE D 241 53.75 -3.62 -13.90
N HIS D 242 54.05 -4.91 -14.09
CA HIS D 242 53.73 -5.96 -13.11
C HIS D 242 54.34 -5.65 -11.75
N ARG D 243 55.59 -5.20 -11.75
CA ARG D 243 56.28 -4.82 -10.52
C ARG D 243 55.67 -3.56 -9.92
N ILE D 244 55.33 -2.60 -10.78
CA ILE D 244 54.67 -1.37 -10.35
C ILE D 244 53.27 -1.68 -9.82
N LEU D 245 52.59 -2.60 -10.49
CA LEU D 245 51.19 -2.89 -10.18
C LEU D 245 51.01 -4.12 -9.29
N ASP D 246 52.02 -4.40 -8.47
CA ASP D 246 51.84 -5.35 -7.39
C ASP D 246 50.81 -4.73 -6.47
N PRO D 247 49.80 -5.52 -6.09
CA PRO D 247 48.79 -5.15 -5.11
C PRO D 247 49.42 -5.02 -3.72
N ASN D 248 50.49 -5.75 -3.46
CA ASN D 248 51.10 -5.73 -2.13
C ASN D 248 52.17 -4.65 -1.97
N PRO D 249 51.88 -3.66 -1.11
CA PRO D 249 52.78 -2.52 -0.91
C PRO D 249 54.20 -2.91 -0.50
N LYS D 250 54.35 -4.04 0.16
CA LYS D 250 55.65 -4.47 0.67
C LYS D 250 56.51 -5.10 -0.43
N THR D 251 55.85 -5.72 -1.39
CA THR D 251 56.55 -6.46 -2.44
C THR D 251 56.69 -5.63 -3.72
N ARG D 252 55.98 -4.50 -3.75
CA ARG D 252 55.98 -3.58 -4.87
C ARG D 252 57.33 -2.89 -5.04
N ILE D 253 57.59 -2.42 -6.25
CA ILE D 253 58.85 -1.76 -6.59
C ILE D 253 59.02 -0.42 -5.86
N GLN D 254 60.27 -0.11 -5.53
CA GLN D 254 60.63 1.19 -4.98
C GLN D 254 60.84 2.18 -6.12
N ILE D 255 60.74 3.47 -5.81
CA ILE D 255 61.10 4.53 -6.75
C ILE D 255 62.53 4.27 -7.23
N GLN D 256 63.42 4.00 -6.28
CA GLN D 256 64.81 3.63 -6.57
C GLN D 256 64.86 2.46 -7.56
N GLY D 257 64.12 1.40 -7.22
CA GLY D 257 64.03 0.20 -8.06
C GLY D 257 63.64 0.49 -9.50
N ILE D 258 62.59 1.29 -9.67
CA ILE D 258 62.10 1.63 -11.01
C ILE D 258 63.09 2.55 -11.74
N LYS D 259 63.68 3.48 -11.01
CA LYS D 259 64.67 4.40 -11.56
C LYS D 259 65.85 3.61 -12.13
N LYS D 260 66.07 2.42 -11.61
CA LYS D 260 67.18 1.60 -12.09
C LYS D 260 66.72 0.55 -13.10
N ASP D 261 65.54 0.75 -13.67
CA ASP D 261 64.94 -0.24 -14.56
C ASP D 261 65.58 -0.32 -15.95
N PRO D 262 65.57 -1.52 -16.60
CA PRO D 262 66.08 -1.50 -17.96
C PRO D 262 65.24 -0.66 -18.94
N TRP D 263 63.93 -0.80 -18.91
CA TRP D 263 63.06 -0.02 -19.80
C TRP D 263 63.08 1.44 -19.41
N PHE D 264 63.06 1.70 -18.11
CA PHE D 264 63.07 3.05 -17.60
C PHE D 264 64.39 3.72 -17.96
N ARG D 265 65.46 2.95 -17.88
CA ARG D 265 66.81 3.47 -18.00
C ARG D 265 67.10 4.15 -19.33
N LYS D 266 66.57 3.57 -20.40
CA LYS D 266 66.83 4.05 -21.76
C LYS D 266 66.72 5.56 -21.86
N ASN D 267 67.61 6.15 -22.66
CA ASN D 267 67.56 7.59 -22.90
C ASN D 267 67.23 8.35 -21.61
N TYR D 268 67.59 7.77 -20.47
CA TYR D 268 67.37 8.46 -19.21
C TYR D 268 68.47 9.47 -18.90
N VAL D 269 68.09 10.50 -18.16
CA VAL D 269 69.03 11.53 -17.71
C VAL D 269 68.46 12.20 -16.45
N PRO D 270 69.25 12.22 -15.37
CA PRO D 270 68.80 12.71 -14.07
C PRO D 270 68.83 14.22 -13.97
N ILE D 271 67.67 14.82 -13.70
CA ILE D 271 67.59 16.23 -13.34
C ILE D 271 68.15 16.32 -11.93
N ARG D 272 68.70 17.48 -11.58
CA ARG D 272 69.12 17.79 -10.21
C ARG D 272 68.78 19.24 -9.84
N ALA D 273 67.98 19.41 -8.80
CA ALA D 273 67.47 20.72 -8.39
C ALA D 273 68.33 21.42 -7.34
N ARG D 274 68.15 22.73 -7.21
CA ARG D 274 68.86 23.54 -6.23
C ARG D 274 67.89 24.42 -5.43
N GLU D 275 67.36 23.86 -4.36
CA GLU D 275 66.35 24.52 -3.54
C GLU D 275 66.84 24.85 -2.13
N GLU D 276 66.20 25.83 -1.50
CA GLU D 276 66.47 26.16 -0.11
C GLU D 276 66.23 24.95 0.76
N GLU D 277 67.14 24.68 1.68
CA GLU D 277 66.81 23.81 2.80
C GLU D 277 65.56 24.45 3.40
N GLU D 278 64.63 23.63 3.88
CA GLU D 278 63.32 24.10 4.34
C GLU D 278 63.40 25.43 5.09
N VAL D 279 62.74 26.45 4.53
CA VAL D 279 62.79 27.81 5.10
C VAL D 279 62.11 27.85 6.47
N ASN D 280 62.54 28.78 7.31
CA ASN D 280 62.05 28.88 8.69
C ASN D 280 60.61 28.41 8.85
N LEU D 281 60.41 27.40 9.68
CA LEU D 281 59.07 26.95 9.99
C LEU D 281 58.27 28.14 10.46
N ASP D 282 58.91 29.00 11.23
CA ASP D 282 58.27 30.23 11.68
C ASP D 282 57.35 30.71 10.57
N ASP D 283 57.87 30.70 9.34
CA ASP D 283 57.05 30.92 8.17
C ASP D 283 55.89 29.92 8.14
N ILE D 284 56.18 28.65 8.43
CA ILE D 284 55.15 27.58 8.45
C ILE D 284 54.05 27.89 9.46
N ARG D 285 54.42 28.29 10.67
CA ARG D 285 53.44 28.66 11.69
C ARG D 285 52.70 29.93 11.28
N ALA D 286 53.43 30.86 10.68
CA ALA D 286 52.86 32.12 10.21
C ALA D 286 52.16 31.99 8.86
N VAL D 287 52.24 30.80 8.27
CA VAL D 287 51.66 30.57 6.95
C VAL D 287 50.20 31.04 6.84
N PHE D 288 49.40 30.81 7.88
CA PHE D 288 47.95 31.03 7.80
C PHE D 288 47.36 32.22 8.57
N ASP D 289 47.89 32.51 9.76
CA ASP D 289 47.35 33.54 10.67
C ASP D 289 45.82 33.58 10.71
#